data_2PO3
#
_entry.id   2PO3
#
_cell.length_a   59.5
_cell.length_b   66.8
_cell.length_c   242.0
_cell.angle_alpha   90
_cell.angle_beta   90
_cell.angle_gamma   90
#
_symmetry.space_group_name_H-M   'P 21 21 21'
#
loop_
_entity.id
_entity.type
_entity.pdbx_description
1 polymer 4-dehydrase
2 non-polymer '(2R,3R,4S,5S,6R)-3,4-DIHYDROXY-5-[({3-HYDROXY-2-METHYL-5-[(PHOSPHONOOXY)METHYL]PYRIDIN-4-YL}METHYL)IMINO]-6-METHYLTETRAHYDRO-2H-PYRAN-2-YL [(2R,3S,5R)-3-HYDROXY-5-(5-METHYL-2,4-DIOXO-3,4-DIHYDROPYRIMIDIN-1(2H)-YL)TETRAHYDROFURAN-2-YL]METHYL DIHYDROGEN DIPHOSPHATE'
3 water water
#
_entity_poly.entity_id   1
_entity_poly.type   'polypeptide(L)'
_entity_poly.pdbx_seq_one_letter_code
;MKSALSDLAFFGGPAAFDQPLLVGRPNRIDRARLYERLDRALDSQWLSNGGPLVREFEERVAGLAGVRHAVATCNATAGL
QLLAHAAGLTGEVIMPSMTFAATPHALRWIGLTPVFADIDPDTGNLDPDQVAAAVTPRTSAVVGVHLWGRPCAADQLRKV
ADEHGLRLYFDAAHALGCAVDGRPAGSLGDAEVFSFHATKAVNAFEGGAVVTDDADLAARIRALHNFGFDLPGGSPAGGT
NAKMSEAAAAMGLTSLDAFPEVIDRNRRNHAAYREHLADLPGVLVADHDRHGLNNHQYVIVEIDEATTGIHRDLVMEVLK
AEGVHTRAYFSPGCHELEPYRGQPHAPLPHTERLAARVLSLPTGTAIGDDDIRRVADLLRLCATRGRELTARHRDTAPAP
LAAPQTSTPTIGRSRGLEHHHHHH
;
_entity_poly.pdbx_strand_id   A,B
#
# COMPACT_ATOMS: atom_id res chain seq x y z
N SER A 3 -16.35 -46.19 -17.41
CA SER A 3 -16.32 -44.74 -17.53
C SER A 3 -14.96 -44.18 -17.14
N ALA A 4 -14.41 -43.37 -18.02
CA ALA A 4 -13.14 -42.76 -17.75
C ALA A 4 -13.43 -41.69 -16.69
N LEU A 5 -14.73 -41.48 -16.44
CA LEU A 5 -15.18 -40.49 -15.49
C LEU A 5 -14.92 -40.90 -14.06
N SER A 6 -14.94 -42.20 -13.84
CA SER A 6 -14.73 -42.70 -12.50
C SER A 6 -13.30 -42.64 -12.05
N ASP A 7 -12.40 -42.62 -13.01
CA ASP A 7 -11.02 -42.50 -12.62
C ASP A 7 -10.80 -41.07 -12.19
N LEU A 8 -11.83 -40.24 -12.43
CA LEU A 8 -11.82 -38.83 -12.07
C LEU A 8 -11.85 -38.69 -10.58
N ALA A 9 -10.82 -38.03 -10.04
CA ALA A 9 -10.68 -37.77 -8.63
C ALA A 9 -11.93 -37.06 -8.18
N PHE A 10 -12.50 -36.33 -9.15
CA PHE A 10 -13.70 -35.59 -8.87
C PHE A 10 -14.82 -36.56 -8.50
N PHE A 11 -14.80 -37.72 -9.17
CA PHE A 11 -15.77 -38.75 -8.96
C PHE A 11 -15.34 -39.76 -7.93
N GLY A 12 -14.30 -39.37 -7.19
CA GLY A 12 -13.78 -40.23 -6.15
C GLY A 12 -12.63 -41.09 -6.61
N GLY A 13 -12.25 -40.96 -7.86
CA GLY A 13 -11.13 -41.75 -8.35
C GLY A 13 -9.83 -41.20 -7.74
N PRO A 14 -8.75 -41.74 -8.31
CA PRO A 14 -7.42 -41.35 -7.91
C PRO A 14 -6.99 -40.17 -8.78
N ALA A 15 -6.41 -39.11 -8.16
CA ALA A 15 -5.95 -37.93 -8.89
C ALA A 15 -4.74 -38.36 -9.68
N ALA A 16 -4.83 -38.15 -10.98
CA ALA A 16 -3.78 -38.56 -11.88
C ALA A 16 -2.34 -38.18 -11.58
N PHE A 17 -2.13 -36.98 -11.05
CA PHE A 17 -0.79 -36.53 -10.77
C PHE A 17 -0.58 -35.89 -9.42
N ASP A 18 0.68 -35.96 -9.01
CA ASP A 18 1.14 -35.42 -7.73
C ASP A 18 1.52 -33.92 -7.79
N GLN A 19 1.93 -33.47 -8.98
CA GLN A 19 2.35 -32.10 -9.14
C GLN A 19 1.25 -31.08 -9.45
N PRO A 20 0.99 -30.20 -8.48
CA PRO A 20 -0.02 -29.15 -8.62
C PRO A 20 0.31 -28.08 -9.64
N LEU A 21 -0.69 -27.72 -10.42
CA LEU A 21 -0.58 -26.69 -11.45
C LEU A 21 -1.44 -25.53 -10.99
N LEU A 22 -0.89 -24.33 -10.96
CA LEU A 22 -1.69 -23.22 -10.50
C LEU A 22 -1.62 -22.01 -11.38
N VAL A 23 -2.76 -21.49 -11.79
CA VAL A 23 -2.73 -20.30 -12.56
C VAL A 23 -2.21 -19.30 -11.53
N GLY A 24 -1.38 -18.34 -11.94
CA GLY A 24 -0.91 -17.36 -10.98
C GLY A 24 0.45 -17.64 -10.35
N ARG A 25 0.96 -18.82 -10.63
CA ARG A 25 2.23 -19.14 -10.05
C ARG A 25 3.26 -18.16 -10.50
N PRO A 26 3.92 -17.53 -9.52
CA PRO A 26 4.93 -16.54 -9.89
C PRO A 26 6.05 -17.21 -10.71
N ASN A 27 6.52 -16.49 -11.75
CA ASN A 27 7.59 -16.95 -12.64
C ASN A 27 8.93 -16.93 -11.89
N ARG A 28 9.79 -17.95 -11.94
CA ARG A 28 11.06 -17.87 -11.21
C ARG A 28 12.02 -16.76 -11.61
N ILE A 29 12.92 -16.41 -10.71
CA ILE A 29 13.89 -15.35 -11.03
C ILE A 29 15.30 -15.75 -10.65
N ASP A 30 16.23 -14.93 -11.10
CA ASP A 30 17.63 -15.14 -10.79
C ASP A 30 17.87 -14.59 -9.37
N ARG A 31 17.83 -15.52 -8.41
CA ARG A 31 18.01 -15.21 -7.02
C ARG A 31 19.23 -14.34 -6.68
N ALA A 32 20.32 -14.63 -7.36
CA ALA A 32 21.58 -13.95 -7.16
C ALA A 32 21.45 -12.49 -7.48
N ARG A 33 20.74 -12.20 -8.58
CA ARG A 33 20.55 -10.83 -8.99
C ARG A 33 19.71 -10.07 -7.95
N LEU A 34 18.67 -10.74 -7.44
CA LEU A 34 17.79 -10.15 -6.43
C LEU A 34 18.57 -9.80 -5.14
N TYR A 35 19.34 -10.77 -4.64
CA TYR A 35 20.11 -10.53 -3.43
C TYR A 35 21.15 -9.45 -3.52
N GLU A 36 21.83 -9.38 -4.64
CA GLU A 36 22.81 -8.33 -4.78
C GLU A 36 22.16 -7.00 -4.53
N ARG A 37 21.04 -6.87 -5.27
CA ARG A 37 20.16 -5.72 -5.27
C ARG A 37 19.75 -5.41 -3.83
N LEU A 38 19.36 -6.45 -3.08
CA LEU A 38 18.97 -6.30 -1.68
C LEU A 38 20.17 -5.95 -0.79
N ASP A 39 21.30 -6.58 -1.07
CA ASP A 39 22.50 -6.30 -0.29
C ASP A 39 22.85 -4.83 -0.39
N ARG A 40 22.94 -4.38 -1.64
CA ARG A 40 23.25 -3.00 -1.96
C ARG A 40 22.33 -1.99 -1.21
N ALA A 41 21.03 -2.28 -1.12
CA ALA A 41 20.10 -1.38 -0.46
C ALA A 41 20.24 -1.39 1.05
N LEU A 42 20.50 -2.59 1.56
CA LEU A 42 20.68 -2.78 2.98
C LEU A 42 21.94 -2.02 3.41
N ASP A 43 22.99 -2.16 2.59
CA ASP A 43 24.27 -1.51 2.82
C ASP A 43 24.12 0.00 2.85
N SER A 44 23.42 0.55 1.85
CA SER A 44 23.21 2.00 1.79
C SER A 44 22.31 2.50 2.93
N GLN A 45 21.54 1.58 3.48
CA GLN A 45 20.61 1.91 4.52
C GLN A 45 19.50 2.80 4.00
N TRP A 46 19.31 2.78 2.70
CA TRP A 46 18.25 3.54 2.09
C TRP A 46 17.27 2.43 1.67
N LEU A 47 16.22 2.22 2.49
CA LEU A 47 15.20 1.19 2.29
C LEU A 47 13.86 1.57 1.60
N SER A 48 13.46 2.83 1.67
CA SER A 48 12.22 3.27 1.06
C SER A 48 12.31 4.75 0.75
N ASN A 49 11.13 5.35 0.52
CA ASN A 49 10.97 6.74 0.24
C ASN A 49 11.88 7.22 -0.87
N GLY A 50 11.49 6.89 -2.09
CA GLY A 50 12.19 7.26 -3.32
C GLY A 50 13.69 6.92 -3.44
N GLY A 51 14.11 5.72 -3.07
CA GLY A 51 15.52 5.36 -3.20
C GLY A 51 15.92 5.04 -4.67
N PRO A 52 17.20 4.70 -4.89
CA PRO A 52 17.75 4.39 -6.23
C PRO A 52 17.15 3.21 -7.01
N LEU A 53 16.64 2.18 -6.32
CA LEU A 53 16.05 1.03 -7.03
C LEU A 53 14.71 1.45 -7.64
N VAL A 54 13.90 2.12 -6.83
CA VAL A 54 12.63 2.56 -7.32
C VAL A 54 12.83 3.44 -8.54
N ARG A 55 13.75 4.38 -8.43
CA ARG A 55 14.00 5.27 -9.55
C ARG A 55 14.38 4.51 -10.78
N GLU A 56 15.22 3.52 -10.62
CA GLU A 56 15.62 2.71 -11.77
C GLU A 56 14.43 2.02 -12.42
N PHE A 57 13.65 1.39 -11.56
CA PHE A 57 12.45 0.68 -11.98
C PHE A 57 11.51 1.63 -12.71
N GLU A 58 11.21 2.77 -12.10
CA GLU A 58 10.33 3.75 -12.70
C GLU A 58 10.72 4.05 -14.12
N GLU A 59 12.03 4.06 -14.32
CA GLU A 59 12.61 4.36 -15.61
C GLU A 59 12.31 3.30 -16.66
N ARG A 60 12.63 2.06 -16.29
CA ARG A 60 12.37 0.95 -17.15
C ARG A 60 10.87 0.90 -17.38
N VAL A 61 10.11 0.96 -16.31
CA VAL A 61 8.66 0.91 -16.46
C VAL A 61 8.14 1.92 -17.47
N ALA A 62 8.56 3.19 -17.34
CA ALA A 62 8.09 4.22 -18.27
C ALA A 62 8.52 3.95 -19.71
N GLY A 63 9.72 3.44 -19.87
CA GLY A 63 10.19 3.16 -21.19
C GLY A 63 9.26 2.20 -21.88
N LEU A 64 8.94 1.14 -21.13
CA LEU A 64 8.06 0.07 -21.57
C LEU A 64 6.66 0.52 -21.99
N ALA A 65 6.17 1.60 -21.35
CA ALA A 65 4.89 2.22 -21.58
C ALA A 65 4.94 3.19 -22.76
N GLY A 66 6.17 3.51 -23.16
CA GLY A 66 6.40 4.45 -24.23
C GLY A 66 6.04 5.90 -23.75
N VAL A 67 6.13 6.17 -22.44
CA VAL A 67 5.82 7.49 -21.90
C VAL A 67 7.02 8.01 -21.16
N ARG A 68 6.94 9.30 -20.76
CA ARG A 68 8.07 9.91 -20.07
C ARG A 68 8.10 9.70 -18.59
N HIS A 69 6.91 9.58 -17.98
CA HIS A 69 6.90 9.43 -16.54
C HIS A 69 6.19 8.22 -15.95
N ALA A 70 6.70 7.79 -14.80
CA ALA A 70 6.18 6.70 -13.99
C ALA A 70 6.48 6.89 -12.52
N VAL A 71 5.47 6.65 -11.70
CA VAL A 71 5.60 6.74 -10.25
C VAL A 71 5.30 5.32 -9.76
N ALA A 72 6.27 4.65 -9.11
CA ALA A 72 6.19 3.31 -8.57
C ALA A 72 5.31 3.30 -7.30
N THR A 73 4.41 2.31 -7.15
CA THR A 73 3.52 2.30 -6.00
C THR A 73 3.53 0.98 -5.27
N CYS A 74 2.88 0.95 -4.10
CA CYS A 74 2.78 -0.25 -3.30
C CYS A 74 1.94 -1.35 -3.97
N ASN A 75 0.96 -0.92 -4.78
CA ASN A 75 0.12 -1.86 -5.54
C ASN A 75 -0.67 -1.10 -6.60
N ALA A 76 -1.23 -1.73 -7.60
CA ALA A 76 -1.93 -0.96 -8.63
C ALA A 76 -3.21 -0.31 -8.16
N THR A 77 -3.86 -0.97 -7.21
CA THR A 77 -5.09 -0.39 -6.74
C THR A 77 -4.80 1.02 -6.21
N ALA A 78 -3.75 1.15 -5.37
CA ALA A 78 -3.41 2.47 -4.86
C ALA A 78 -3.07 3.39 -6.02
N GLY A 79 -2.47 2.83 -7.06
CA GLY A 79 -2.15 3.62 -8.21
C GLY A 79 -3.42 4.23 -8.81
N LEU A 80 -4.53 3.46 -8.83
CA LEU A 80 -5.74 4.04 -9.40
C LEU A 80 -6.26 5.19 -8.57
N GLN A 81 -6.19 5.03 -7.25
CA GLN A 81 -6.64 6.06 -6.30
C GLN A 81 -5.83 7.35 -6.42
N LEU A 82 -4.51 7.21 -6.57
CA LEU A 82 -3.72 8.44 -6.71
C LEU A 82 -4.07 9.19 -7.98
N LEU A 83 -4.25 8.45 -9.06
CA LEU A 83 -4.57 9.04 -10.34
C LEU A 83 -5.84 9.84 -10.24
N ALA A 84 -6.86 9.18 -9.73
CA ALA A 84 -8.13 9.83 -9.54
C ALA A 84 -7.95 11.10 -8.76
N HIS A 85 -7.43 11.01 -7.52
CA HIS A 85 -7.22 12.17 -6.67
C HIS A 85 -6.38 13.24 -7.32
N ALA A 86 -5.26 12.85 -7.92
CA ALA A 86 -4.37 13.80 -8.60
C ALA A 86 -5.07 14.61 -9.70
N ALA A 87 -6.00 13.94 -10.39
CA ALA A 87 -6.75 14.52 -11.49
C ALA A 87 -8.01 15.26 -11.09
N GLY A 88 -8.35 15.21 -9.81
CA GLY A 88 -9.54 15.90 -9.29
C GLY A 88 -10.87 15.32 -9.77
N LEU A 89 -10.89 14.00 -10.04
CA LEU A 89 -12.07 13.33 -10.53
C LEU A 89 -13.15 13.45 -9.51
N THR A 90 -14.38 13.57 -9.97
CA THR A 90 -15.51 13.66 -9.08
C THR A 90 -16.67 12.86 -9.65
N GLY A 91 -17.56 12.50 -8.76
CA GLY A 91 -18.75 11.79 -9.17
C GLY A 91 -18.61 10.42 -9.79
N GLU A 92 -19.05 10.35 -11.04
CA GLU A 92 -19.08 9.12 -11.79
C GLU A 92 -17.95 8.88 -12.73
N VAL A 93 -17.62 7.59 -12.78
CA VAL A 93 -16.58 7.10 -13.67
C VAL A 93 -17.07 5.92 -14.48
N ILE A 94 -17.06 6.11 -15.77
CA ILE A 94 -17.53 5.08 -16.62
C ILE A 94 -16.44 4.05 -16.87
N MET A 95 -16.81 2.78 -16.70
CA MET A 95 -15.89 1.70 -16.88
C MET A 95 -16.57 0.34 -17.18
N PRO A 96 -15.80 -0.62 -17.70
CA PRO A 96 -16.45 -1.90 -17.94
C PRO A 96 -16.77 -2.62 -16.61
N SER A 97 -17.68 -3.55 -16.70
CA SER A 97 -18.06 -4.34 -15.56
C SER A 97 -17.24 -5.62 -15.72
N MET A 98 -16.76 -5.83 -16.95
CA MET A 98 -15.92 -7.01 -17.29
C MET A 98 -14.47 -6.71 -16.91
N THR A 99 -14.16 -6.88 -15.63
CA THR A 99 -12.83 -6.68 -15.09
C THR A 99 -12.75 -7.21 -13.67
N PHE A 100 -11.56 -7.10 -13.09
CA PHE A 100 -11.29 -7.53 -11.75
C PHE A 100 -11.91 -6.48 -10.82
N ALA A 101 -12.40 -6.98 -9.69
CA ALA A 101 -13.04 -6.12 -8.71
C ALA A 101 -12.27 -4.84 -8.39
N ALA A 102 -10.93 -4.90 -8.43
CA ALA A 102 -10.19 -3.71 -8.09
C ALA A 102 -10.54 -2.49 -8.93
N THR A 103 -10.89 -2.63 -10.23
CA THR A 103 -11.18 -1.45 -11.02
C THR A 103 -12.23 -0.53 -10.38
N PRO A 104 -13.42 -1.05 -10.08
CA PRO A 104 -14.41 -0.18 -9.45
C PRO A 104 -14.07 0.10 -7.99
N HIS A 105 -13.77 -0.94 -7.24
CA HIS A 105 -13.46 -0.79 -5.83
C HIS A 105 -12.40 0.25 -5.52
N ALA A 106 -11.39 0.34 -6.36
CA ALA A 106 -10.33 1.30 -6.07
C ALA A 106 -10.91 2.70 -5.95
N LEU A 107 -11.86 2.96 -6.84
CA LEU A 107 -12.46 4.30 -6.85
C LEU A 107 -13.55 4.49 -5.84
N ARG A 108 -14.29 3.42 -5.61
CA ARG A 108 -15.38 3.43 -4.64
C ARG A 108 -14.84 3.69 -3.23
N TRP A 109 -13.65 3.16 -2.99
CA TRP A 109 -12.93 3.27 -1.71
C TRP A 109 -12.66 4.71 -1.34
N ILE A 110 -12.38 5.53 -2.36
CA ILE A 110 -12.11 6.95 -2.14
C ILE A 110 -13.32 7.82 -2.43
N GLY A 111 -14.51 7.19 -2.42
CA GLY A 111 -15.78 7.86 -2.64
C GLY A 111 -16.30 8.12 -4.06
N LEU A 112 -15.74 7.55 -5.13
CA LEU A 112 -16.26 7.79 -6.47
C LEU A 112 -17.39 6.81 -6.82
N THR A 113 -18.01 7.01 -7.98
CA THR A 113 -19.13 6.19 -8.43
C THR A 113 -18.90 5.53 -9.77
N PRO A 114 -18.57 4.25 -9.66
CA PRO A 114 -18.34 3.52 -10.88
C PRO A 114 -19.61 3.44 -11.71
N VAL A 115 -19.49 3.65 -13.01
CA VAL A 115 -20.64 3.54 -13.88
C VAL A 115 -20.32 2.56 -14.99
N PHE A 116 -20.98 1.40 -14.92
CA PHE A 116 -20.80 0.27 -15.85
C PHE A 116 -21.43 0.32 -17.26
N ALA A 117 -20.58 0.10 -18.26
CA ALA A 117 -21.00 0.05 -19.67
C ALA A 117 -20.52 -1.28 -20.30
N ASP A 118 -21.27 -1.84 -21.26
CA ASP A 118 -20.98 -3.10 -21.92
C ASP A 118 -19.71 -3.14 -22.76
N ILE A 119 -19.23 -4.39 -23.04
CA ILE A 119 -18.05 -4.64 -23.86
C ILE A 119 -18.41 -4.87 -25.32
N ASP A 120 -17.41 -4.82 -26.18
CA ASP A 120 -17.63 -5.13 -27.56
C ASP A 120 -17.40 -6.65 -27.51
N PRO A 121 -18.43 -7.43 -27.81
CA PRO A 121 -18.29 -8.86 -27.74
C PRO A 121 -17.09 -9.42 -28.54
N ASP A 122 -16.64 -8.69 -29.54
CA ASP A 122 -15.54 -9.16 -30.36
C ASP A 122 -14.17 -8.93 -29.79
N THR A 123 -14.13 -8.10 -28.76
CA THR A 123 -12.85 -7.80 -28.16
C THR A 123 -12.79 -8.12 -26.68
N GLY A 124 -13.88 -7.88 -26.00
CA GLY A 124 -13.94 -8.13 -24.58
C GLY A 124 -13.69 -6.86 -23.82
N ASN A 125 -13.39 -5.78 -24.58
CA ASN A 125 -13.09 -4.44 -24.07
C ASN A 125 -14.28 -3.47 -24.11
N LEU A 126 -14.21 -2.44 -23.26
CA LEU A 126 -15.25 -1.42 -23.17
C LEU A 126 -15.63 -0.87 -24.55
N ASP A 127 -16.93 -0.95 -24.87
CA ASP A 127 -17.47 -0.47 -26.16
C ASP A 127 -17.68 1.04 -26.19
N PRO A 128 -16.88 1.78 -26.96
CA PRO A 128 -17.01 3.22 -27.03
C PRO A 128 -18.41 3.64 -27.44
N ASP A 129 -19.06 2.81 -28.24
CA ASP A 129 -20.40 3.15 -28.66
C ASP A 129 -21.41 2.98 -27.58
N GLN A 130 -20.98 2.52 -26.42
CA GLN A 130 -21.96 2.34 -25.35
C GLN A 130 -21.69 3.35 -24.31
N VAL A 131 -20.63 4.06 -24.55
CA VAL A 131 -20.25 5.01 -23.55
C VAL A 131 -21.18 6.21 -23.45
N ALA A 132 -21.27 6.95 -24.54
CA ALA A 132 -22.10 8.13 -24.55
C ALA A 132 -23.42 7.98 -23.81
N ALA A 133 -24.11 6.88 -24.03
CA ALA A 133 -25.38 6.68 -23.36
C ALA A 133 -25.28 6.60 -21.86
N ALA A 134 -24.10 6.31 -21.33
CA ALA A 134 -23.90 6.19 -19.89
C ALA A 134 -23.52 7.51 -19.22
N VAL A 135 -22.99 8.45 -20.01
CA VAL A 135 -22.57 9.78 -19.55
C VAL A 135 -23.69 10.54 -18.83
N THR A 136 -23.33 11.44 -17.90
CA THR A 136 -24.32 12.25 -17.16
C THR A 136 -23.71 13.57 -16.69
N PRO A 137 -24.47 14.40 -15.95
CA PRO A 137 -23.91 15.65 -15.48
C PRO A 137 -22.82 15.37 -14.44
N ARG A 138 -22.87 14.19 -13.81
CA ARG A 138 -21.91 13.76 -12.81
C ARG A 138 -20.62 13.09 -13.34
N THR A 139 -20.62 12.65 -14.59
CA THR A 139 -19.45 12.00 -15.14
C THR A 139 -18.19 12.85 -15.27
N SER A 140 -17.09 12.36 -14.70
CA SER A 140 -15.85 13.08 -14.83
C SER A 140 -14.88 12.35 -15.76
N ALA A 141 -15.03 11.02 -15.86
CA ALA A 141 -14.11 10.26 -16.70
C ALA A 141 -14.58 8.87 -17.08
N VAL A 142 -13.74 8.35 -17.96
CA VAL A 142 -13.81 7.04 -18.55
C VAL A 142 -12.52 6.27 -18.22
N VAL A 143 -12.70 5.08 -17.69
CA VAL A 143 -11.58 4.22 -17.38
C VAL A 143 -11.80 2.89 -18.08
N GLY A 144 -11.02 2.63 -19.14
CA GLY A 144 -11.11 1.38 -19.88
C GLY A 144 -10.15 0.36 -19.26
N VAL A 145 -10.33 -0.92 -19.59
CA VAL A 145 -9.46 -1.99 -19.08
C VAL A 145 -8.85 -2.76 -20.25
N HIS A 146 -7.52 -2.86 -20.35
CA HIS A 146 -6.97 -3.62 -21.46
C HIS A 146 -7.09 -5.05 -20.96
N LEU A 147 -8.24 -5.67 -21.27
CA LEU A 147 -8.52 -7.03 -20.81
C LEU A 147 -7.57 -8.13 -21.26
N TRP A 148 -6.87 -8.78 -20.32
CA TRP A 148 -5.94 -9.83 -20.71
C TRP A 148 -4.79 -9.26 -21.56
N GLY A 149 -4.57 -7.96 -21.39
CA GLY A 149 -3.54 -7.30 -22.11
C GLY A 149 -3.98 -6.77 -23.47
N ARG A 150 -5.22 -7.02 -23.94
CA ARG A 150 -5.62 -6.47 -25.22
C ARG A 150 -5.98 -5.01 -25.09
N PRO A 151 -5.32 -4.20 -25.89
CA PRO A 151 -5.65 -2.79 -25.75
C PRO A 151 -7.04 -2.43 -26.18
N CYS A 152 -7.64 -1.51 -25.47
CA CYS A 152 -8.96 -0.95 -25.80
C CYS A 152 -8.89 -0.14 -27.10
N ALA A 153 -10.09 0.28 -27.57
CA ALA A 153 -10.26 1.15 -28.78
C ALA A 153 -10.13 2.59 -28.29
N ALA A 154 -8.90 2.92 -27.92
CA ALA A 154 -8.64 4.21 -27.29
C ALA A 154 -9.03 5.38 -28.18
N ASP A 155 -8.66 5.38 -29.43
CA ASP A 155 -9.02 6.41 -30.38
C ASP A 155 -10.52 6.65 -30.36
N GLN A 156 -11.28 5.57 -30.51
CA GLN A 156 -12.72 5.73 -30.49
C GLN A 156 -13.21 6.19 -29.11
N LEU A 157 -12.60 5.61 -28.09
CA LEU A 157 -12.96 5.95 -26.72
C LEU A 157 -12.62 7.39 -26.44
N ARG A 158 -11.46 7.76 -26.92
CA ARG A 158 -10.99 9.11 -26.77
C ARG A 158 -12.01 10.02 -27.46
N LYS A 159 -12.43 9.63 -28.66
CA LYS A 159 -13.40 10.43 -29.37
C LYS A 159 -14.67 10.70 -28.56
N VAL A 160 -15.19 9.68 -27.92
CA VAL A 160 -16.39 9.93 -27.13
C VAL A 160 -16.07 10.83 -25.94
N ALA A 161 -14.97 10.50 -25.27
CA ALA A 161 -14.52 11.22 -24.10
C ALA A 161 -14.59 12.69 -24.37
N ASP A 162 -13.89 13.04 -25.43
CA ASP A 162 -13.80 14.40 -25.88
C ASP A 162 -15.19 14.96 -25.98
N GLU A 163 -16.00 14.30 -26.79
CA GLU A 163 -17.37 14.74 -26.94
C GLU A 163 -18.03 15.17 -25.62
N HIS A 164 -17.77 14.46 -24.54
CA HIS A 164 -18.45 14.89 -23.34
C HIS A 164 -17.59 15.62 -22.34
N GLY A 165 -16.42 16.07 -22.77
CA GLY A 165 -15.53 16.76 -21.84
C GLY A 165 -15.17 15.87 -20.64
N LEU A 166 -14.70 14.64 -20.94
CA LEU A 166 -14.30 13.62 -19.96
C LEU A 166 -12.83 13.26 -20.13
N ARG A 167 -12.18 12.81 -19.03
CA ARG A 167 -10.77 12.40 -19.11
C ARG A 167 -10.72 10.94 -19.49
N LEU A 168 -9.62 10.54 -20.10
CA LEU A 168 -9.55 9.13 -20.49
C LEU A 168 -8.34 8.42 -19.90
N TYR A 169 -8.61 7.41 -19.06
CA TYR A 169 -7.54 6.62 -18.45
C TYR A 169 -7.79 5.14 -18.65
N PHE A 170 -6.71 4.35 -18.41
CA PHE A 170 -6.76 2.90 -18.50
C PHE A 170 -6.16 2.13 -17.32
N ASP A 171 -6.85 1.05 -17.02
CA ASP A 171 -6.39 0.13 -16.03
C ASP A 171 -5.57 -0.84 -16.91
N ALA A 172 -4.25 -0.68 -16.86
CA ALA A 172 -3.37 -1.53 -17.67
C ALA A 172 -2.70 -2.62 -16.83
N ALA A 173 -3.41 -3.11 -15.79
CA ALA A 173 -2.90 -4.14 -14.89
C ALA A 173 -2.30 -5.36 -15.55
N HIS A 174 -2.96 -5.80 -16.62
CA HIS A 174 -2.57 -6.96 -17.41
C HIS A 174 -1.79 -6.66 -18.70
N ALA A 175 -1.65 -5.38 -19.01
CA ALA A 175 -1.03 -4.91 -20.24
C ALA A 175 0.45 -4.60 -20.31
N LEU A 176 1.27 -4.98 -19.33
CA LEU A 176 2.68 -4.67 -19.45
C LEU A 176 3.30 -5.32 -20.69
N GLY A 177 3.92 -4.55 -21.60
CA GLY A 177 4.53 -5.18 -22.78
C GLY A 177 3.59 -5.46 -23.94
N CYS A 178 2.39 -4.90 -23.89
CA CYS A 178 1.41 -5.09 -24.94
C CYS A 178 1.37 -3.84 -25.81
N ALA A 179 0.88 -3.99 -27.04
CA ALA A 179 0.81 -2.88 -27.98
C ALA A 179 -0.33 -3.07 -28.98
N VAL A 180 -0.69 -1.99 -29.65
CA VAL A 180 -1.73 -1.99 -30.67
C VAL A 180 -1.29 -1.05 -31.76
N ASP A 181 -1.32 -1.56 -33.00
CA ASP A 181 -0.89 -0.76 -34.14
C ASP A 181 0.50 -0.21 -33.86
N GLY A 182 1.29 -1.01 -33.12
CA GLY A 182 2.63 -0.63 -32.74
C GLY A 182 2.74 0.34 -31.56
N ARG A 183 1.60 0.79 -31.02
CA ARG A 183 1.60 1.70 -29.88
C ARG A 183 1.61 0.92 -28.55
N PRO A 184 2.44 1.25 -27.60
CA PRO A 184 2.38 0.39 -26.44
C PRO A 184 1.33 0.77 -25.42
N ALA A 185 0.84 -0.23 -24.70
CA ALA A 185 -0.17 0.05 -23.67
C ALA A 185 0.58 0.88 -22.66
N GLY A 186 -0.08 1.91 -22.15
CA GLY A 186 0.49 2.85 -21.17
C GLY A 186 0.64 4.24 -21.80
N SER A 187 0.64 4.26 -23.14
CA SER A 187 0.77 5.49 -23.89
C SER A 187 -0.50 5.83 -24.63
N LEU A 188 -1.60 5.19 -24.26
CA LEU A 188 -2.85 5.44 -24.93
C LEU A 188 -3.80 6.29 -24.18
N GLY A 189 -3.74 6.26 -22.85
CA GLY A 189 -4.71 7.10 -22.16
C GLY A 189 -4.03 8.37 -21.72
N ASP A 190 -4.78 9.16 -20.98
CA ASP A 190 -4.27 10.39 -20.43
C ASP A 190 -3.17 9.97 -19.44
N ALA A 191 -3.38 8.75 -18.88
CA ALA A 191 -2.52 8.07 -17.92
C ALA A 191 -3.02 6.67 -17.72
N GLU A 192 -2.08 5.74 -17.44
CA GLU A 192 -2.40 4.34 -17.21
C GLU A 192 -1.76 3.77 -15.95
N VAL A 193 -2.39 2.69 -15.41
CA VAL A 193 -1.90 2.05 -14.20
C VAL A 193 -1.48 0.62 -14.46
N PHE A 194 -0.24 0.28 -14.09
CA PHE A 194 0.25 -1.09 -14.26
C PHE A 194 0.23 -1.77 -12.90
N SER A 195 0.29 -3.08 -12.90
CA SER A 195 0.34 -3.87 -11.68
C SER A 195 1.56 -4.82 -11.74
N PHE A 196 2.24 -4.98 -10.57
CA PHE A 196 3.42 -5.86 -10.34
C PHE A 196 3.18 -6.85 -9.19
N HIS A 197 1.95 -7.34 -9.11
CA HIS A 197 1.55 -8.27 -8.10
C HIS A 197 2.31 -9.52 -8.34
N ALA A 198 2.49 -10.29 -7.27
CA ALA A 198 3.18 -11.59 -7.31
C ALA A 198 2.71 -12.46 -8.50
N THR A 199 1.43 -12.36 -8.84
CA THR A 199 0.84 -13.13 -9.92
C THR A 199 0.99 -12.62 -11.36
N LYS A 200 1.50 -11.43 -11.57
CA LYS A 200 1.64 -10.93 -12.92
C LYS A 200 2.91 -11.51 -13.62
N ALA A 201 3.11 -11.17 -14.90
CA ALA A 201 4.25 -11.60 -15.71
C ALA A 201 5.53 -11.05 -15.09
N VAL A 202 5.37 -9.83 -14.62
CA VAL A 202 6.44 -9.15 -13.94
C VAL A 202 5.95 -8.84 -12.54
N ASN A 203 6.67 -9.26 -11.54
CA ASN A 203 6.20 -8.95 -10.19
C ASN A 203 7.28 -8.31 -9.30
N ALA A 204 6.82 -7.54 -8.29
CA ALA A 204 7.70 -6.90 -7.29
C ALA A 204 7.16 -7.26 -5.90
N PHE A 205 6.63 -8.47 -5.79
CA PHE A 205 6.00 -9.02 -4.58
C PHE A 205 4.59 -8.43 -4.63
N GLU A 206 4.56 -7.11 -4.41
CA GLU A 206 3.36 -6.29 -4.45
C GLU A 206 3.79 -4.97 -5.00
N GLY A 207 3.08 -4.46 -5.98
CA GLY A 207 3.46 -3.15 -6.50
C GLY A 207 2.68 -2.73 -7.73
N GLY A 208 2.89 -1.49 -8.12
CA GLY A 208 2.23 -0.95 -9.29
C GLY A 208 3.02 0.26 -9.79
N ALA A 209 2.41 0.98 -10.73
CA ALA A 209 2.95 2.17 -11.38
C ALA A 209 1.92 2.88 -12.19
N VAL A 210 1.91 4.19 -12.02
CA VAL A 210 1.03 5.07 -12.75
C VAL A 210 1.95 5.73 -13.76
N VAL A 211 1.63 5.54 -15.04
CA VAL A 211 2.43 6.10 -16.12
C VAL A 211 1.68 7.14 -16.93
N THR A 212 2.40 8.19 -17.30
CA THR A 212 1.82 9.26 -18.08
C THR A 212 2.86 10.14 -18.75
N ASP A 213 2.42 10.84 -19.79
CA ASP A 213 3.34 11.74 -20.49
C ASP A 213 3.24 13.14 -19.88
N ASP A 214 2.15 13.34 -19.12
CA ASP A 214 1.81 14.58 -18.42
C ASP A 214 2.61 14.81 -17.15
N ALA A 215 3.64 15.62 -17.26
CA ALA A 215 4.54 15.92 -16.14
C ALA A 215 3.88 16.55 -14.93
N ASP A 216 2.91 17.40 -15.18
CA ASP A 216 2.31 18.02 -14.07
C ASP A 216 1.56 16.99 -13.30
N LEU A 217 0.79 16.21 -14.03
CA LEU A 217 -0.02 15.16 -13.45
C LEU A 217 0.87 14.22 -12.66
N ALA A 218 2.00 13.92 -13.28
CA ALA A 218 2.99 13.03 -12.67
C ALA A 218 3.53 13.57 -11.32
N ALA A 219 3.74 14.88 -11.25
CA ALA A 219 4.26 15.50 -10.05
C ALA A 219 3.25 15.42 -8.96
N ARG A 220 1.97 15.63 -9.30
CA ARG A 220 0.90 15.57 -8.29
C ARG A 220 0.77 14.18 -7.67
N ILE A 221 0.84 13.16 -8.54
CA ILE A 221 0.75 11.79 -8.09
C ILE A 221 1.91 11.47 -7.17
N ARG A 222 3.06 11.92 -7.60
CA ARG A 222 4.22 11.66 -6.79
C ARG A 222 4.03 12.30 -5.41
N ALA A 223 3.72 13.59 -5.40
CA ALA A 223 3.55 14.22 -4.12
C ALA A 223 2.45 13.58 -3.29
N LEU A 224 1.29 13.29 -3.89
CA LEU A 224 0.21 12.68 -3.12
C LEU A 224 0.56 11.30 -2.57
N HIS A 225 1.46 10.58 -3.24
CA HIS A 225 1.81 9.26 -2.77
C HIS A 225 2.72 9.31 -1.57
N ASN A 226 3.11 10.55 -1.28
CA ASN A 226 3.99 10.84 -0.14
C ASN A 226 3.45 11.95 0.77
N PHE A 227 2.29 11.66 1.34
CA PHE A 227 1.63 12.54 2.28
C PHE A 227 1.25 13.91 1.76
N GLY A 228 1.34 14.09 0.45
CA GLY A 228 1.01 15.35 -0.17
C GLY A 228 2.19 16.30 -0.02
N PHE A 229 3.29 15.77 0.46
CA PHE A 229 4.46 16.64 0.63
C PHE A 229 5.03 17.09 -0.67
N ASP A 230 5.36 18.39 -0.61
CA ASP A 230 5.96 19.17 -1.68
C ASP A 230 5.02 19.45 -2.84
N LEU A 231 3.76 19.66 -2.49
CA LEU A 231 2.75 19.95 -3.49
C LEU A 231 2.16 21.33 -3.26
N PRO A 232 2.68 22.28 -4.02
CA PRO A 232 2.20 23.62 -3.86
C PRO A 232 0.68 23.64 -4.08
N GLY A 233 -0.05 24.01 -3.01
CA GLY A 233 -1.51 24.13 -2.95
C GLY A 233 -2.19 22.90 -2.36
N GLY A 234 -1.36 21.88 -2.20
CA GLY A 234 -1.82 20.61 -1.68
C GLY A 234 -3.01 20.11 -2.48
N SER A 235 -3.87 19.36 -1.81
CA SER A 235 -5.05 18.84 -2.49
C SER A 235 -6.18 18.63 -1.48
N PRO A 236 -7.40 18.73 -1.95
CA PRO A 236 -8.50 18.54 -1.05
C PRO A 236 -8.46 17.16 -0.44
N ALA A 237 -7.82 16.17 -1.14
CA ALA A 237 -7.69 14.77 -0.71
C ALA A 237 -6.66 14.59 0.41
N GLY A 238 -5.80 15.61 0.54
CA GLY A 238 -4.74 15.62 1.55
C GLY A 238 -3.51 14.91 1.04
N GLY A 239 -3.59 13.56 1.04
CA GLY A 239 -2.52 12.71 0.55
C GLY A 239 -2.54 11.35 1.22
N THR A 240 -1.60 10.47 0.82
CA THR A 240 -1.53 9.13 1.43
C THR A 240 -0.12 8.54 1.39
N ASN A 241 -0.03 7.24 1.68
CA ASN A 241 1.21 6.51 1.63
C ASN A 241 0.99 5.41 0.60
N ALA A 242 1.61 5.52 -0.57
CA ALA A 242 1.47 4.49 -1.60
C ALA A 242 2.84 4.22 -2.19
N LYS A 243 3.82 4.44 -1.33
CA LYS A 243 5.23 4.32 -1.64
C LYS A 243 5.72 2.89 -1.88
N MET A 244 6.65 2.72 -2.83
CA MET A 244 7.24 1.42 -3.12
C MET A 244 8.62 1.43 -2.44
N SER A 245 8.89 0.40 -1.65
CA SER A 245 10.13 0.24 -0.93
C SER A 245 11.22 -0.27 -1.84
N GLU A 246 12.45 -0.06 -1.41
CA GLU A 246 13.57 -0.48 -2.20
C GLU A 246 13.60 -1.96 -2.47
N ALA A 247 13.08 -2.71 -1.51
CA ALA A 247 13.04 -4.16 -1.63
C ALA A 247 12.13 -4.70 -2.75
N ALA A 248 10.99 -4.05 -2.84
CA ALA A 248 10.01 -4.40 -3.87
C ALA A 248 10.62 -4.01 -5.19
N ALA A 249 11.27 -2.84 -5.22
CA ALA A 249 11.90 -2.41 -6.47
C ALA A 249 13.02 -3.40 -6.88
N ALA A 250 13.73 -3.95 -5.89
CA ALA A 250 14.76 -4.92 -6.17
C ALA A 250 14.15 -6.14 -6.87
N MET A 251 13.06 -6.63 -6.29
CA MET A 251 12.38 -7.77 -6.89
C MET A 251 11.87 -7.35 -8.27
N GLY A 252 11.25 -6.17 -8.33
CA GLY A 252 10.71 -5.60 -9.57
C GLY A 252 11.68 -5.57 -10.77
N LEU A 253 12.90 -5.09 -10.54
CA LEU A 253 13.94 -4.99 -11.58
C LEU A 253 14.46 -6.33 -12.07
N THR A 254 14.56 -7.29 -11.15
CA THR A 254 15.04 -8.64 -11.39
C THR A 254 14.01 -9.41 -12.18
N SER A 255 12.77 -8.96 -12.02
CA SER A 255 11.66 -9.61 -12.69
C SER A 255 11.55 -9.05 -14.11
N LEU A 256 11.82 -7.78 -14.22
CA LEU A 256 11.80 -7.13 -15.52
C LEU A 256 12.89 -7.79 -16.37
N ASP A 257 13.95 -8.19 -15.70
CA ASP A 257 15.08 -8.82 -16.34
C ASP A 257 14.69 -10.12 -17.01
N ALA A 258 13.76 -10.86 -16.38
CA ALA A 258 13.31 -12.15 -16.90
C ALA A 258 12.16 -12.08 -17.91
N PHE A 259 11.62 -10.87 -18.01
CA PHE A 259 10.48 -10.61 -18.84
C PHE A 259 10.55 -11.18 -20.27
N PRO A 260 11.62 -10.85 -20.95
CA PRO A 260 11.76 -11.31 -22.31
C PRO A 260 11.60 -12.82 -22.47
N GLU A 261 12.18 -13.55 -21.59
CA GLU A 261 12.09 -14.97 -21.62
C GLU A 261 10.73 -15.46 -21.17
N VAL A 262 10.07 -14.71 -20.29
CA VAL A 262 8.74 -15.08 -19.80
C VAL A 262 7.76 -14.97 -20.97
N ILE A 263 7.86 -13.86 -21.69
CA ILE A 263 6.99 -13.69 -22.84
C ILE A 263 7.08 -14.84 -23.83
N ASP A 264 8.32 -15.25 -24.08
CA ASP A 264 8.62 -16.31 -25.00
C ASP A 264 7.96 -17.56 -24.54
N ARG A 265 8.14 -17.87 -23.25
CA ARG A 265 7.51 -19.08 -22.77
C ARG A 265 6.00 -18.97 -22.87
N ASN A 266 5.50 -17.78 -22.53
CA ASN A 266 4.08 -17.55 -22.60
C ASN A 266 3.55 -17.80 -24.01
N ARG A 267 4.28 -17.32 -24.99
CA ARG A 267 3.83 -17.51 -26.34
C ARG A 267 3.85 -18.98 -26.77
N ARG A 268 4.88 -19.65 -26.30
CA ARG A 268 5.02 -21.03 -26.63
C ARG A 268 3.90 -21.80 -25.93
N ASN A 269 3.70 -21.51 -24.65
CA ASN A 269 2.65 -22.19 -23.94
C ASN A 269 1.32 -21.98 -24.64
N HIS A 270 1.14 -20.80 -25.17
CA HIS A 270 -0.12 -20.48 -25.84
C HIS A 270 -0.33 -21.30 -27.08
N ALA A 271 0.71 -21.33 -27.90
CA ALA A 271 0.59 -22.10 -29.11
C ALA A 271 0.29 -23.56 -28.79
N ALA A 272 0.96 -24.04 -27.74
CA ALA A 272 0.79 -25.42 -27.31
C ALA A 272 -0.63 -25.71 -26.95
N TYR A 273 -1.24 -24.80 -26.22
CA TYR A 273 -2.61 -25.04 -25.86
C TYR A 273 -3.45 -25.01 -27.10
N ARG A 274 -3.19 -24.04 -27.97
CA ARG A 274 -3.99 -23.93 -29.20
C ARG A 274 -4.01 -25.23 -29.94
N GLU A 275 -2.82 -25.75 -30.10
CA GLU A 275 -2.70 -26.99 -30.80
C GLU A 275 -3.34 -28.17 -30.06
N HIS A 276 -3.14 -28.27 -28.76
CA HIS A 276 -3.75 -29.37 -28.04
C HIS A 276 -5.26 -29.31 -27.88
N LEU A 277 -5.86 -28.18 -28.19
CA LEU A 277 -7.32 -28.05 -28.02
C LEU A 277 -8.01 -27.81 -29.34
N ALA A 278 -7.25 -28.09 -30.36
CA ALA A 278 -7.75 -27.94 -31.70
C ALA A 278 -8.88 -28.92 -31.93
N ASP A 279 -9.82 -28.48 -32.78
CA ASP A 279 -10.99 -29.24 -33.18
C ASP A 279 -11.67 -29.86 -31.97
N LEU A 280 -12.23 -28.99 -31.14
CA LEU A 280 -12.92 -29.34 -29.91
C LEU A 280 -14.08 -28.38 -29.86
N PRO A 281 -15.20 -28.84 -30.36
CA PRO A 281 -16.39 -27.99 -30.39
C PRO A 281 -16.80 -27.57 -29.00
N GLY A 282 -17.17 -26.29 -28.88
CA GLY A 282 -17.57 -25.72 -27.61
C GLY A 282 -16.43 -25.24 -26.68
N VAL A 283 -15.17 -25.41 -27.10
CA VAL A 283 -14.03 -24.94 -26.30
C VAL A 283 -13.20 -24.07 -27.22
N LEU A 284 -12.96 -22.85 -26.83
CA LEU A 284 -12.15 -22.03 -27.72
C LEU A 284 -11.11 -21.25 -27.03
N VAL A 285 -9.92 -21.34 -27.61
CA VAL A 285 -8.77 -20.62 -27.06
C VAL A 285 -8.85 -19.13 -27.46
N ALA A 286 -8.85 -18.22 -26.49
CA ALA A 286 -8.94 -16.83 -26.83
C ALA A 286 -7.72 -16.33 -27.63
N ASP A 287 -7.98 -15.77 -28.80
CA ASP A 287 -6.96 -15.26 -29.71
C ASP A 287 -6.54 -13.83 -29.41
N HIS A 288 -5.75 -13.66 -28.35
CA HIS A 288 -5.30 -12.32 -27.94
C HIS A 288 -4.58 -11.57 -29.04
N ASP A 289 -3.84 -12.33 -29.85
CA ASP A 289 -3.05 -11.80 -30.94
C ASP A 289 -3.83 -10.94 -31.94
N ARG A 290 -5.08 -11.31 -32.15
CA ARG A 290 -5.90 -10.57 -33.07
C ARG A 290 -5.96 -9.10 -32.72
N HIS A 291 -5.81 -8.78 -31.41
CA HIS A 291 -5.89 -7.40 -30.84
C HIS A 291 -4.63 -6.58 -30.68
N GLY A 292 -3.52 -7.14 -31.13
CA GLY A 292 -2.26 -6.44 -31.01
C GLY A 292 -1.36 -7.34 -30.20
N LEU A 293 -0.11 -6.94 -30.12
CA LEU A 293 0.90 -7.66 -29.41
C LEU A 293 0.52 -7.88 -27.95
N ASN A 294 0.46 -9.15 -27.55
CA ASN A 294 0.07 -9.54 -26.19
C ASN A 294 1.18 -10.23 -25.39
N ASN A 295 1.20 -10.07 -24.05
CA ASN A 295 2.26 -10.70 -23.27
C ASN A 295 1.98 -12.17 -22.99
N HIS A 296 0.74 -12.60 -23.27
CA HIS A 296 0.35 -13.99 -23.05
C HIS A 296 0.43 -14.49 -21.61
N GLN A 297 0.33 -13.54 -20.68
CA GLN A 297 0.36 -13.84 -19.25
C GLN A 297 -0.94 -14.58 -18.79
N TYR A 298 -1.95 -14.50 -19.66
CA TYR A 298 -3.26 -15.09 -19.47
C TYR A 298 -3.67 -16.08 -20.55
N VAL A 299 -3.87 -17.37 -20.23
CA VAL A 299 -4.32 -18.31 -21.23
C VAL A 299 -5.81 -18.46 -20.99
N ILE A 300 -6.64 -17.97 -21.89
CA ILE A 300 -8.07 -18.06 -21.66
C ILE A 300 -8.82 -18.85 -22.71
N VAL A 301 -9.79 -19.64 -22.26
CA VAL A 301 -10.63 -20.43 -23.15
C VAL A 301 -12.07 -20.10 -22.80
N GLU A 302 -12.95 -20.25 -23.78
CA GLU A 302 -14.32 -20.01 -23.53
C GLU A 302 -14.94 -21.37 -23.68
N ILE A 303 -15.76 -21.72 -22.70
CA ILE A 303 -16.50 -22.96 -22.64
C ILE A 303 -17.97 -22.67 -23.03
N ASP A 304 -18.47 -23.22 -24.14
CA ASP A 304 -19.86 -23.03 -24.58
C ASP A 304 -20.74 -24.14 -24.00
N GLU A 305 -21.47 -23.89 -22.92
CA GLU A 305 -22.29 -24.93 -22.33
C GLU A 305 -23.28 -25.63 -23.26
N ALA A 306 -23.79 -24.95 -24.26
CA ALA A 306 -24.72 -25.61 -25.15
C ALA A 306 -24.07 -26.73 -25.97
N THR A 307 -22.93 -26.40 -26.55
CA THR A 307 -22.15 -27.28 -27.39
C THR A 307 -21.60 -28.44 -26.56
N THR A 308 -20.97 -28.13 -25.44
CA THR A 308 -20.37 -29.13 -24.58
C THR A 308 -21.31 -29.86 -23.62
N GLY A 309 -22.39 -29.22 -23.18
CA GLY A 309 -23.25 -29.89 -22.25
C GLY A 309 -22.70 -29.84 -20.84
N ILE A 310 -21.68 -29.00 -20.62
CA ILE A 310 -21.06 -28.84 -19.32
C ILE A 310 -20.69 -27.36 -19.11
N HIS A 311 -21.12 -26.79 -17.99
CA HIS A 311 -20.85 -25.40 -17.64
C HIS A 311 -19.40 -25.21 -17.21
N ARG A 312 -18.82 -24.03 -17.53
CA ARG A 312 -17.45 -23.61 -17.17
C ARG A 312 -17.11 -23.91 -15.70
N ASP A 313 -18.07 -23.61 -14.83
CA ASP A 313 -17.89 -23.80 -13.41
C ASP A 313 -17.56 -25.23 -13.02
N LEU A 314 -18.27 -26.15 -13.65
CA LEU A 314 -18.09 -27.56 -13.39
C LEU A 314 -16.76 -28.02 -13.95
N VAL A 315 -16.44 -27.44 -15.11
CA VAL A 315 -15.17 -27.77 -15.70
C VAL A 315 -14.08 -27.42 -14.66
N MET A 316 -14.23 -26.22 -14.09
CA MET A 316 -13.30 -25.72 -13.08
C MET A 316 -13.11 -26.69 -11.91
N GLU A 317 -14.24 -27.11 -11.40
CA GLU A 317 -14.23 -28.05 -10.27
C GLU A 317 -13.54 -29.36 -10.61
N VAL A 318 -13.83 -29.88 -11.81
CA VAL A 318 -13.25 -31.14 -12.23
C VAL A 318 -11.75 -31.05 -12.28
N LEU A 319 -11.25 -29.91 -12.79
CA LEU A 319 -9.81 -29.78 -12.87
C LEU A 319 -9.21 -29.54 -11.48
N LYS A 320 -9.89 -28.72 -10.70
CA LYS A 320 -9.36 -28.50 -9.39
C LYS A 320 -9.18 -29.83 -8.68
N ALA A 321 -10.11 -30.74 -8.89
CA ALA A 321 -9.94 -32.02 -8.22
C ALA A 321 -8.71 -32.77 -8.69
N GLU A 322 -8.32 -32.50 -9.90
CA GLU A 322 -7.15 -33.16 -10.45
C GLU A 322 -5.85 -32.47 -10.10
N GLY A 323 -5.94 -31.44 -9.28
CA GLY A 323 -4.73 -30.70 -8.89
C GLY A 323 -4.34 -29.64 -9.93
N VAL A 324 -5.33 -29.17 -10.67
CA VAL A 324 -5.11 -28.17 -11.70
C VAL A 324 -5.99 -27.02 -11.38
N HIS A 325 -5.36 -26.00 -10.86
CA HIS A 325 -6.06 -24.81 -10.44
C HIS A 325 -6.17 -23.71 -11.43
N THR A 326 -7.41 -23.53 -11.93
CA THR A 326 -7.76 -22.51 -12.90
C THR A 326 -8.62 -21.46 -12.23
N ARG A 327 -8.79 -20.33 -12.89
CA ARG A 327 -9.59 -19.26 -12.35
C ARG A 327 -10.43 -18.69 -13.45
N ALA A 328 -11.57 -18.14 -13.05
CA ALA A 328 -12.49 -17.52 -13.97
C ALA A 328 -12.21 -16.05 -13.98
N TYR A 329 -11.33 -15.63 -14.86
CA TYR A 329 -11.01 -14.21 -14.92
C TYR A 329 -11.67 -13.64 -16.18
N PHE A 330 -12.81 -12.91 -16.10
CA PHE A 330 -13.48 -12.58 -14.84
C PHE A 330 -14.95 -12.94 -14.84
N SER A 331 -15.41 -13.33 -13.67
CA SER A 331 -16.77 -13.74 -13.46
C SER A 331 -17.09 -13.67 -11.99
N PRO A 332 -18.20 -13.04 -11.65
CA PRO A 332 -19.09 -12.44 -12.60
C PRO A 332 -18.57 -11.02 -12.89
N GLY A 333 -19.32 -10.23 -13.69
CA GLY A 333 -18.97 -8.85 -13.98
C GLY A 333 -19.04 -8.12 -12.63
N CYS A 334 -18.35 -7.00 -12.48
CA CYS A 334 -18.34 -6.29 -11.22
C CYS A 334 -19.71 -5.79 -10.84
N HIS A 335 -20.55 -5.58 -11.85
CA HIS A 335 -21.88 -5.07 -11.60
C HIS A 335 -22.72 -6.01 -10.76
N GLU A 336 -22.17 -7.19 -10.55
CA GLU A 336 -22.84 -8.21 -9.77
C GLU A 336 -22.15 -8.43 -8.44
N LEU A 337 -21.16 -7.59 -8.13
CA LEU A 337 -20.46 -7.77 -6.87
C LEU A 337 -20.86 -6.67 -5.92
N GLU A 338 -20.72 -6.87 -4.59
CA GLU A 338 -21.04 -5.81 -3.63
C GLU A 338 -19.96 -4.76 -3.66
N PRO A 339 -20.34 -3.52 -3.48
CA PRO A 339 -21.74 -3.18 -3.23
C PRO A 339 -22.54 -2.86 -4.52
N TYR A 340 -22.09 -3.24 -5.74
CA TYR A 340 -22.82 -2.89 -6.99
C TYR A 340 -24.05 -3.72 -7.26
N ARG A 341 -23.94 -4.93 -6.76
CA ARG A 341 -24.94 -5.96 -6.90
C ARG A 341 -26.34 -5.46 -6.63
N GLY A 342 -27.23 -5.65 -7.58
CA GLY A 342 -28.60 -5.23 -7.36
C GLY A 342 -28.93 -3.77 -7.53
N GLN A 343 -27.94 -2.98 -7.88
CA GLN A 343 -28.20 -1.59 -8.11
C GLN A 343 -28.51 -1.42 -9.59
N PRO A 344 -29.07 -0.30 -9.97
CA PRO A 344 -29.43 -0.09 -11.36
C PRO A 344 -28.23 0.05 -12.25
N HIS A 345 -28.26 -0.73 -13.29
CA HIS A 345 -27.17 -0.66 -14.22
C HIS A 345 -27.69 -0.69 -15.62
N ALA A 346 -26.94 -0.08 -16.55
CA ALA A 346 -27.23 -0.08 -17.98
C ALA A 346 -27.28 -1.57 -18.40
N PRO A 347 -27.79 -1.93 -19.60
CA PRO A 347 -27.80 -3.35 -19.98
C PRO A 347 -26.37 -3.82 -20.28
N LEU A 348 -26.03 -5.04 -19.82
CA LEU A 348 -24.68 -5.65 -19.98
C LEU A 348 -24.75 -7.11 -20.43
N PRO A 349 -25.45 -7.38 -21.55
CA PRO A 349 -25.61 -8.75 -22.00
C PRO A 349 -24.33 -9.41 -22.51
N HIS A 350 -23.44 -8.61 -23.12
CA HIS A 350 -22.19 -9.13 -23.65
C HIS A 350 -21.26 -9.52 -22.50
N THR A 351 -21.21 -8.67 -21.49
CA THR A 351 -20.44 -8.89 -20.32
C THR A 351 -20.95 -10.15 -19.64
N GLU A 352 -22.23 -10.19 -19.45
CA GLU A 352 -22.71 -11.38 -18.76
C GLU A 352 -22.48 -12.67 -19.49
N ARG A 353 -22.53 -12.61 -20.80
CA ARG A 353 -22.32 -13.83 -21.55
C ARG A 353 -20.88 -14.30 -21.52
N LEU A 354 -19.96 -13.36 -21.61
CA LEU A 354 -18.54 -13.72 -21.61
C LEU A 354 -18.13 -14.19 -20.25
N ALA A 355 -18.60 -13.47 -19.26
CA ALA A 355 -18.25 -13.81 -17.90
C ALA A 355 -18.58 -15.21 -17.55
N ALA A 356 -19.61 -15.73 -18.19
CA ALA A 356 -19.98 -17.10 -17.89
C ALA A 356 -19.21 -18.16 -18.64
N ARG A 357 -18.49 -17.76 -19.70
CA ARG A 357 -17.72 -18.75 -20.48
C ARG A 357 -16.22 -18.91 -20.21
N VAL A 358 -15.59 -17.84 -19.72
CA VAL A 358 -14.16 -17.74 -19.45
C VAL A 358 -13.52 -18.60 -18.37
N LEU A 359 -12.36 -19.16 -18.75
CA LEU A 359 -11.60 -19.99 -17.83
C LEU A 359 -10.12 -19.73 -18.07
N SER A 360 -9.40 -19.38 -17.01
CA SER A 360 -7.97 -19.11 -17.14
C SER A 360 -7.13 -20.36 -16.81
N LEU A 361 -6.23 -20.77 -17.68
CA LEU A 361 -5.40 -21.97 -17.43
C LEU A 361 -3.95 -21.65 -17.00
N PRO A 362 -3.30 -22.52 -16.25
CA PRO A 362 -1.92 -22.30 -15.81
C PRO A 362 -0.89 -22.06 -16.93
N THR A 363 -0.06 -21.05 -16.72
CA THR A 363 0.99 -20.65 -17.66
C THR A 363 2.26 -20.14 -16.97
N GLY A 364 3.09 -19.43 -17.72
CA GLY A 364 4.34 -18.89 -17.20
C GLY A 364 5.44 -19.94 -17.27
N THR A 365 6.61 -19.58 -16.73
CA THR A 365 7.78 -20.43 -16.70
C THR A 365 7.63 -21.67 -15.89
N ALA A 366 6.58 -21.73 -15.09
CA ALA A 366 6.36 -22.93 -14.31
C ALA A 366 5.71 -24.04 -15.16
N ILE A 367 5.10 -23.68 -16.28
CA ILE A 367 4.43 -24.68 -17.10
C ILE A 367 5.19 -25.04 -18.37
N GLY A 368 5.21 -26.35 -18.69
CA GLY A 368 5.84 -26.94 -19.86
C GLY A 368 4.84 -27.81 -20.63
N ASP A 369 5.28 -28.32 -21.78
CA ASP A 369 4.46 -29.14 -22.67
C ASP A 369 3.70 -30.28 -22.04
N ASP A 370 4.39 -31.03 -21.19
CA ASP A 370 3.78 -32.14 -20.51
C ASP A 370 2.62 -31.69 -19.65
N ASP A 371 2.84 -30.58 -18.98
CA ASP A 371 1.83 -30.01 -18.14
C ASP A 371 0.63 -29.62 -18.99
N ILE A 372 0.94 -28.97 -20.11
CA ILE A 372 -0.06 -28.50 -21.05
C ILE A 372 -0.98 -29.58 -21.54
N ARG A 373 -0.36 -30.67 -21.96
CA ARG A 373 -1.07 -31.82 -22.46
C ARG A 373 -1.98 -32.39 -21.38
N ARG A 374 -1.44 -32.46 -20.21
CA ARG A 374 -2.25 -33.00 -19.13
C ARG A 374 -3.53 -32.16 -18.99
N VAL A 375 -3.40 -30.84 -19.04
CA VAL A 375 -4.58 -30.00 -18.90
C VAL A 375 -5.48 -30.04 -20.11
N ALA A 376 -4.89 -29.94 -21.28
CA ALA A 376 -5.67 -29.98 -22.52
C ALA A 376 -6.50 -31.25 -22.57
N ASP A 377 -5.87 -32.40 -22.23
CA ASP A 377 -6.47 -33.72 -22.20
C ASP A 377 -7.66 -33.79 -21.29
N LEU A 378 -7.50 -33.16 -20.13
CA LEU A 378 -8.53 -33.06 -19.13
C LEU A 378 -9.66 -32.18 -19.69
N LEU A 379 -9.30 -31.10 -20.36
CA LEU A 379 -10.34 -30.24 -20.92
C LEU A 379 -11.10 -30.96 -22.04
N ARG A 380 -10.34 -31.68 -22.85
CA ARG A 380 -10.89 -32.42 -23.96
C ARG A 380 -11.87 -33.45 -23.43
N LEU A 381 -11.54 -34.11 -22.34
CA LEU A 381 -12.44 -35.09 -21.75
C LEU A 381 -13.78 -34.42 -21.38
N CYS A 382 -13.66 -33.35 -20.62
CA CYS A 382 -14.80 -32.57 -20.15
C CYS A 382 -15.72 -32.09 -21.28
N ALA A 383 -15.09 -31.63 -22.33
CA ALA A 383 -15.82 -31.11 -23.46
C ALA A 383 -16.52 -32.19 -24.25
N THR A 384 -15.84 -33.32 -24.44
CA THR A 384 -16.41 -34.41 -25.21
C THR A 384 -17.35 -35.31 -24.44
N ARG A 385 -17.30 -35.21 -23.10
CA ARG A 385 -18.17 -36.05 -22.29
C ARG A 385 -18.99 -35.28 -21.28
N GLY A 386 -19.09 -33.95 -21.52
CA GLY A 386 -19.77 -32.97 -20.70
C GLY A 386 -21.12 -33.38 -20.14
N ARG A 387 -21.99 -33.72 -21.09
CA ARG A 387 -23.36 -34.17 -20.91
C ARG A 387 -23.43 -35.32 -19.89
N GLU A 388 -22.59 -36.33 -20.08
CA GLU A 388 -22.59 -37.43 -19.15
C GLU A 388 -21.98 -37.03 -17.79
N LEU A 389 -20.94 -36.19 -17.87
CA LEU A 389 -20.26 -35.70 -16.69
C LEU A 389 -21.19 -34.86 -15.85
N THR A 390 -21.92 -33.99 -16.54
CA THR A 390 -22.87 -33.17 -15.83
C THR A 390 -23.94 -34.10 -15.21
N ALA A 391 -24.46 -35.02 -16.01
CA ALA A 391 -25.48 -35.97 -15.60
C ALA A 391 -25.10 -36.71 -14.35
N ARG A 392 -23.95 -37.31 -14.42
CA ARG A 392 -23.40 -38.06 -13.29
C ARG A 392 -23.19 -37.16 -12.08
N HIS A 393 -22.86 -35.92 -12.35
CA HIS A 393 -22.67 -35.03 -11.25
C HIS A 393 -24.04 -34.73 -10.62
N ARG A 394 -24.99 -34.48 -11.51
CA ARG A 394 -26.37 -34.15 -11.17
C ARG A 394 -27.00 -35.13 -10.19
N ASP A 395 -26.55 -36.37 -10.27
CA ASP A 395 -27.00 -37.46 -9.43
C ASP A 395 -26.66 -37.21 -7.96
N ALA B 4 35.17 29.08 19.10
CA ALA B 4 34.77 30.00 18.03
C ALA B 4 33.68 29.49 17.08
N LEU B 5 32.80 30.43 16.68
CA LEU B 5 31.68 30.15 15.80
C LEU B 5 32.13 30.07 14.36
N SER B 6 33.17 30.85 14.15
CA SER B 6 33.87 31.02 12.90
C SER B 6 34.26 29.65 12.33
N ASP B 7 34.33 28.72 13.28
CA ASP B 7 34.67 27.33 13.11
C ASP B 7 33.47 26.48 12.71
N LEU B 8 32.32 26.78 13.27
CA LEU B 8 31.14 26.01 12.92
C LEU B 8 31.09 25.94 11.39
N ALA B 9 31.03 24.71 10.86
CA ALA B 9 30.96 24.45 9.43
C ALA B 9 29.86 25.28 8.77
N PHE B 10 28.92 25.74 9.60
CA PHE B 10 27.78 26.56 9.20
C PHE B 10 28.16 28.04 9.03
N PHE B 11 29.38 28.33 9.49
CA PHE B 11 29.95 29.65 9.43
C PHE B 11 31.23 29.57 8.61
N GLY B 12 31.16 28.65 7.65
CA GLY B 12 32.24 28.37 6.73
C GLY B 12 33.20 27.33 7.29
N GLY B 13 33.33 27.34 8.58
CA GLY B 13 34.25 26.43 9.25
C GLY B 13 34.09 25.00 8.68
N PRO B 14 35.10 24.17 8.86
CA PRO B 14 35.05 22.73 8.53
C PRO B 14 34.03 21.88 9.37
N ALA B 15 33.23 21.09 8.61
CA ALA B 15 32.21 20.19 9.20
C ALA B 15 32.90 19.37 10.24
N ALA B 16 32.14 19.41 11.37
CA ALA B 16 32.56 18.84 12.59
C ALA B 16 32.80 17.46 12.42
N PHE B 17 31.87 16.56 12.11
CA PHE B 17 32.50 15.21 11.85
C PHE B 17 32.06 14.83 10.45
N ASP B 18 32.72 13.81 9.90
CA ASP B 18 32.47 13.36 8.52
C ASP B 18 31.35 12.32 8.47
N GLN B 19 31.32 11.47 9.48
CA GLN B 19 30.28 10.42 9.59
C GLN B 19 28.94 11.08 9.93
N PRO B 20 28.04 11.30 8.94
CA PRO B 20 26.78 11.98 9.18
C PRO B 20 25.96 11.18 10.09
N LEU B 21 25.22 11.85 10.95
CA LEU B 21 24.31 11.14 11.85
C LEU B 21 22.88 11.50 11.44
N LEU B 22 22.08 10.45 11.37
CA LEU B 22 20.74 10.57 10.86
C LEU B 22 19.56 10.14 11.69
N VAL B 23 18.73 11.09 11.98
CA VAL B 23 17.57 10.69 12.71
C VAL B 23 16.85 9.73 11.75
N GLY B 24 16.42 8.57 12.21
CA GLY B 24 15.73 7.72 11.26
C GLY B 24 16.56 6.67 10.56
N ARG B 25 17.86 6.63 10.83
CA ARG B 25 18.69 5.63 10.21
C ARG B 25 18.20 4.28 10.72
N PRO B 26 17.93 3.34 9.82
CA PRO B 26 17.42 2.08 10.31
C PRO B 26 18.49 1.25 11.02
N ASN B 27 18.08 0.62 12.13
CA ASN B 27 18.97 -0.24 12.91
C ASN B 27 19.31 -1.42 12.08
N ARG B 28 20.59 -1.78 12.09
CA ARG B 28 21.03 -2.94 11.32
C ARG B 28 20.35 -4.20 11.78
N ILE B 29 20.40 -5.22 10.94
CA ILE B 29 19.77 -6.48 11.32
C ILE B 29 20.66 -7.64 10.95
N ASP B 30 20.20 -8.81 11.38
CA ASP B 30 20.87 -10.09 11.08
C ASP B 30 20.48 -10.50 9.65
N ARG B 31 21.29 -10.15 8.63
CA ARG B 31 21.02 -10.44 7.23
C ARG B 31 20.85 -11.91 6.95
N ALA B 32 21.59 -12.70 7.70
CA ALA B 32 21.48 -14.12 7.53
C ALA B 32 20.07 -14.58 7.84
N ARG B 33 19.55 -14.17 9.00
CA ARG B 33 18.20 -14.54 9.41
C ARG B 33 17.19 -14.00 8.39
N LEU B 34 17.49 -12.82 7.80
CA LEU B 34 16.63 -12.18 6.80
C LEU B 34 16.53 -13.01 5.53
N TYR B 35 17.70 -13.32 5.01
CA TYR B 35 17.82 -14.10 3.79
C TYR B 35 17.30 -15.51 3.94
N GLU B 36 17.35 -16.02 5.15
CA GLU B 36 16.79 -17.33 5.27
C GLU B 36 15.32 -17.26 4.99
N ARG B 37 14.68 -16.30 5.63
CA ARG B 37 13.26 -16.06 5.45
C ARG B 37 12.91 -15.87 3.94
N LEU B 38 13.55 -14.92 3.30
CA LEU B 38 13.31 -14.64 1.89
C LEU B 38 13.40 -15.89 1.04
N ASP B 39 14.44 -16.67 1.31
CA ASP B 39 14.68 -17.90 0.58
C ASP B 39 13.52 -18.84 0.67
N ARG B 40 13.03 -19.03 1.88
CA ARG B 40 11.89 -19.91 2.11
C ARG B 40 10.66 -19.42 1.34
N ALA B 41 10.47 -18.09 1.28
CA ALA B 41 9.32 -17.55 0.54
C ALA B 41 9.47 -17.76 -0.95
N LEU B 42 10.69 -17.53 -1.41
CA LEU B 42 10.89 -17.70 -2.82
C LEU B 42 10.69 -19.13 -3.22
N ASP B 43 11.30 -20.01 -2.44
CA ASP B 43 11.19 -21.41 -2.74
C ASP B 43 9.76 -21.90 -2.85
N SER B 44 8.95 -21.51 -1.87
CA SER B 44 7.55 -21.90 -1.83
C SER B 44 6.69 -21.30 -2.95
N GLN B 45 7.15 -20.17 -3.46
CA GLN B 45 6.43 -19.49 -4.52
C GLN B 45 5.17 -18.82 -4.00
N TRP B 46 5.17 -18.54 -2.71
CA TRP B 46 4.11 -17.88 -2.01
C TRP B 46 4.67 -16.53 -1.58
N LEU B 47 4.39 -15.50 -2.35
CA LEU B 47 4.96 -14.20 -2.04
C LEU B 47 4.11 -13.11 -1.42
N SER B 48 2.80 -13.30 -1.41
CA SER B 48 1.92 -12.31 -0.83
C SER B 48 0.60 -13.00 -0.61
N ASN B 49 -0.40 -12.18 -0.36
CA ASN B 49 -1.71 -12.74 -0.16
C ASN B 49 -1.84 -13.67 1.06
N GLY B 50 -1.46 -13.14 2.22
CA GLY B 50 -1.54 -13.86 3.47
C GLY B 50 -0.62 -15.06 3.59
N GLY B 51 0.67 -14.91 3.22
CA GLY B 51 1.61 -16.02 3.33
C GLY B 51 1.97 -16.33 4.80
N PRO B 52 2.78 -17.34 5.01
CA PRO B 52 3.17 -17.76 6.35
C PRO B 52 3.99 -16.73 7.10
N LEU B 53 4.92 -16.06 6.43
CA LEU B 53 5.69 -15.06 7.17
C LEU B 53 4.76 -14.00 7.68
N VAL B 54 3.86 -13.56 6.78
CA VAL B 54 2.91 -12.56 7.20
C VAL B 54 2.10 -13.03 8.39
N ARG B 55 1.67 -14.29 8.36
CA ARG B 55 0.88 -14.82 9.47
C ARG B 55 1.65 -14.86 10.78
N GLU B 56 2.90 -15.26 10.71
CA GLU B 56 3.70 -15.33 11.94
C GLU B 56 3.89 -13.94 12.55
N PHE B 57 4.13 -13.00 11.66
CA PHE B 57 4.34 -11.63 12.06
C PHE B 57 3.13 -11.08 12.79
N GLU B 58 1.99 -11.30 12.17
CA GLU B 58 0.78 -10.83 12.77
C GLU B 58 0.69 -11.42 14.16
N GLU B 59 1.08 -12.68 14.29
CA GLU B 59 1.02 -13.35 15.59
C GLU B 59 1.97 -12.71 16.59
N ARG B 60 3.19 -12.43 16.15
CA ARG B 60 4.15 -11.79 17.05
C ARG B 60 3.68 -10.39 17.43
N VAL B 61 3.31 -9.63 16.41
CA VAL B 61 2.84 -8.27 16.66
C VAL B 61 1.65 -8.22 17.61
N ALA B 62 0.65 -9.05 17.40
CA ALA B 62 -0.51 -9.05 18.29
C ALA B 62 -0.10 -9.35 19.72
N GLY B 63 0.82 -10.30 19.90
CA GLY B 63 1.26 -10.64 21.24
C GLY B 63 1.90 -9.44 21.95
N LEU B 64 2.73 -8.69 21.21
CA LEU B 64 3.44 -7.51 21.70
C LEU B 64 2.50 -6.36 22.06
N ALA B 65 1.36 -6.29 21.37
CA ALA B 65 0.35 -5.27 21.57
C ALA B 65 -0.56 -5.62 22.73
N GLY B 66 -0.54 -6.89 23.09
CA GLY B 66 -1.37 -7.32 24.18
C GLY B 66 -2.82 -7.59 23.77
N VAL B 67 -3.01 -7.97 22.47
CA VAL B 67 -4.29 -8.29 21.87
C VAL B 67 -4.23 -9.61 21.11
N ARG B 68 -5.42 -10.09 20.78
CA ARG B 68 -5.59 -11.34 20.09
C ARG B 68 -5.37 -11.32 18.58
N HIS B 69 -5.77 -10.21 17.95
CA HIS B 69 -5.68 -10.12 16.51
C HIS B 69 -4.87 -8.99 15.95
N ALA B 70 -4.27 -9.27 14.81
CA ALA B 70 -3.49 -8.29 14.07
C ALA B 70 -3.63 -8.53 12.56
N VAL B 71 -3.85 -7.44 11.78
CA VAL B 71 -3.92 -7.50 10.32
C VAL B 71 -2.72 -6.70 9.78
N ALA B 72 -1.78 -7.36 9.12
CA ALA B 72 -0.57 -6.75 8.59
C ALA B 72 -0.88 -6.03 7.30
N THR B 73 -0.39 -4.80 7.20
CA THR B 73 -0.70 -4.02 6.00
C THR B 73 0.54 -3.49 5.28
N CYS B 74 0.30 -2.93 4.09
CA CYS B 74 1.35 -2.39 3.28
C CYS B 74 1.99 -1.17 3.92
N ASN B 75 1.27 -0.54 4.84
CA ASN B 75 1.74 0.63 5.55
C ASN B 75 0.73 1.01 6.64
N ALA B 76 1.09 1.90 7.58
CA ALA B 76 0.19 2.31 8.66
C ALA B 76 -0.93 3.22 8.13
N THR B 77 -0.60 4.11 7.20
CA THR B 77 -1.59 5.01 6.58
C THR B 77 -2.77 4.18 6.03
N ALA B 78 -2.45 3.15 5.22
CA ALA B 78 -3.51 2.32 4.72
C ALA B 78 -4.22 1.62 5.89
N GLY B 79 -3.45 1.31 6.94
CA GLY B 79 -4.01 0.65 8.13
C GLY B 79 -5.19 1.48 8.65
N LEU B 80 -4.99 2.81 8.84
CA LEU B 80 -6.02 3.72 9.35
C LEU B 80 -7.28 3.77 8.48
N GLN B 81 -7.06 3.79 7.16
CA GLN B 81 -8.13 3.81 6.19
C GLN B 81 -8.96 2.53 6.28
N LEU B 82 -8.30 1.36 6.36
CA LEU B 82 -9.02 0.11 6.48
C LEU B 82 -9.85 0.18 7.75
N LEU B 83 -9.21 0.69 8.81
CA LEU B 83 -9.87 0.80 10.09
C LEU B 83 -11.07 1.71 9.97
N ALA B 84 -10.87 2.88 9.39
CA ALA B 84 -12.01 3.77 9.26
C ALA B 84 -13.20 3.13 8.55
N HIS B 85 -12.97 2.67 7.32
CA HIS B 85 -14.01 2.05 6.52
C HIS B 85 -14.59 0.80 7.10
N ALA B 86 -13.74 -0.03 7.71
CA ALA B 86 -14.20 -1.28 8.28
C ALA B 86 -15.19 -1.01 9.39
N ALA B 87 -14.88 0.08 10.10
CA ALA B 87 -15.59 0.62 11.22
C ALA B 87 -16.85 1.35 10.78
N GLY B 88 -16.89 1.76 9.53
CA GLY B 88 -18.07 2.46 9.07
C GLY B 88 -18.07 3.90 9.56
N LEU B 89 -16.92 4.46 9.69
CA LEU B 89 -16.83 5.82 10.14
C LEU B 89 -17.31 6.76 9.06
N THR B 90 -17.85 7.89 9.47
CA THR B 90 -18.35 8.86 8.55
C THR B 90 -18.21 10.24 9.12
N GLY B 91 -18.34 11.19 8.23
CA GLY B 91 -18.28 12.57 8.65
C GLY B 91 -17.00 12.97 9.39
N GLU B 92 -17.17 13.42 10.65
CA GLU B 92 -16.09 13.91 11.52
C GLU B 92 -15.38 12.96 12.45
N VAL B 93 -14.07 13.22 12.56
CA VAL B 93 -13.19 12.44 13.43
C VAL B 93 -12.30 13.33 14.27
N ILE B 94 -12.43 13.25 15.59
CA ILE B 94 -11.58 14.10 16.41
C ILE B 94 -10.20 13.51 16.65
N MET B 95 -9.20 14.35 16.38
CA MET B 95 -7.81 13.95 16.56
C MET B 95 -6.89 15.13 16.87
N PRO B 96 -5.66 14.87 17.35
CA PRO B 96 -4.75 15.98 17.64
C PRO B 96 -4.14 16.54 16.36
N SER B 97 -3.65 17.76 16.47
CA SER B 97 -3.03 18.36 15.33
C SER B 97 -1.55 18.06 15.48
N MET B 98 -1.17 17.76 16.75
CA MET B 98 0.21 17.44 17.12
C MET B 98 0.50 16.00 16.72
N THR B 99 0.86 15.85 15.45
CA THR B 99 1.10 14.51 14.96
C THR B 99 1.65 14.68 13.57
N PHE B 100 2.03 13.52 12.98
CA PHE B 100 2.55 13.42 11.63
C PHE B 100 1.35 13.61 10.66
N ALA B 101 1.61 14.23 9.52
CA ALA B 101 0.57 14.48 8.52
C ALA B 101 -0.37 13.31 8.24
N ALA B 102 0.20 12.10 8.19
CA ALA B 102 -0.57 10.91 7.87
C ALA B 102 -1.81 10.64 8.70
N THR B 103 -1.87 11.10 9.93
CA THR B 103 -3.07 10.82 10.75
C THR B 103 -4.36 11.39 10.16
N PRO B 104 -4.33 12.70 9.85
CA PRO B 104 -5.51 13.32 9.27
C PRO B 104 -5.66 12.95 7.79
N HIS B 105 -4.56 13.03 7.00
CA HIS B 105 -4.51 12.71 5.58
C HIS B 105 -5.06 11.32 5.29
N ALA B 106 -4.64 10.37 6.13
CA ALA B 106 -5.11 9.03 5.90
C ALA B 106 -6.63 9.07 5.76
N LEU B 107 -7.28 9.80 6.67
CA LEU B 107 -8.72 9.90 6.67
C LEU B 107 -9.27 10.83 5.57
N ARG B 108 -8.63 11.95 5.37
CA ARG B 108 -9.10 12.86 4.35
C ARG B 108 -9.20 12.17 3.02
N TRP B 109 -8.14 11.40 2.74
CA TRP B 109 -8.00 10.65 1.49
C TRP B 109 -9.24 9.84 1.15
N ILE B 110 -9.83 9.24 2.19
CA ILE B 110 -11.00 8.42 1.96
C ILE B 110 -12.30 9.18 2.18
N GLY B 111 -12.20 10.51 2.21
CA GLY B 111 -13.32 11.42 2.37
C GLY B 111 -13.86 11.73 3.77
N LEU B 112 -13.05 11.65 4.83
CA LEU B 112 -13.51 11.96 6.17
C LEU B 112 -12.97 13.34 6.50
N THR B 113 -13.55 13.96 7.54
CA THR B 113 -13.16 15.29 8.03
C THR B 113 -12.42 15.29 9.36
N PRO B 114 -11.12 15.56 9.29
CA PRO B 114 -10.37 15.63 10.54
C PRO B 114 -10.84 16.90 11.31
N VAL B 115 -11.00 16.73 12.63
CA VAL B 115 -11.39 17.74 13.62
C VAL B 115 -10.30 17.73 14.69
N PHE B 116 -9.54 18.81 14.71
CA PHE B 116 -8.41 18.97 15.63
C PHE B 116 -8.73 19.57 16.98
N ALA B 117 -8.10 19.01 18.01
CA ALA B 117 -8.20 19.43 19.40
C ALA B 117 -6.79 19.56 19.99
N ASP B 118 -6.66 20.47 20.97
CA ASP B 118 -5.40 20.74 21.64
C ASP B 118 -4.84 19.61 22.51
N ILE B 119 -3.52 19.69 22.73
CA ILE B 119 -2.81 18.70 23.53
C ILE B 119 -2.68 19.19 24.94
N ASP B 120 -2.46 18.20 25.82
CA ASP B 120 -2.21 18.48 27.21
C ASP B 120 -0.74 18.86 27.23
N PRO B 121 -0.47 20.14 27.42
CA PRO B 121 0.88 20.65 27.44
C PRO B 121 1.82 19.83 28.31
N ASP B 122 1.25 19.13 29.29
CA ASP B 122 2.10 18.31 30.16
C ASP B 122 2.39 16.88 29.69
N THR B 123 1.86 16.55 28.54
CA THR B 123 2.11 15.23 28.01
C THR B 123 2.48 15.25 26.56
N GLY B 124 1.68 16.03 25.80
CA GLY B 124 1.83 16.21 24.36
C GLY B 124 0.81 15.36 23.62
N ASN B 125 -0.05 14.78 24.41
CA ASN B 125 -1.10 13.92 23.91
C ASN B 125 -2.47 14.60 23.95
N LEU B 126 -3.31 14.19 23.03
CA LEU B 126 -4.64 14.69 22.96
C LEU B 126 -5.20 14.88 24.37
N ASP B 127 -5.54 16.13 24.69
CA ASP B 127 -6.10 16.44 25.98
C ASP B 127 -7.54 16.01 25.97
N PRO B 128 -7.87 14.99 26.74
CA PRO B 128 -9.24 14.50 26.80
C PRO B 128 -10.20 15.59 27.21
N ASP B 129 -9.67 16.61 27.88
CA ASP B 129 -10.62 17.62 28.23
C ASP B 129 -11.24 18.24 27.00
N GLN B 130 -10.34 18.69 26.13
CA GLN B 130 -10.64 19.37 24.87
C GLN B 130 -11.48 18.62 23.87
N VAL B 131 -11.76 17.39 24.18
CA VAL B 131 -12.52 16.60 23.25
C VAL B 131 -14.00 16.93 23.07
N ALA B 132 -14.74 16.91 24.16
CA ALA B 132 -16.17 17.16 24.05
C ALA B 132 -16.53 18.44 23.32
N ALA B 133 -15.71 19.42 23.52
CA ALA B 133 -15.95 20.68 22.88
C ALA B 133 -16.00 20.54 21.36
N ALA B 134 -15.21 19.61 20.82
CA ALA B 134 -15.20 19.44 19.38
C ALA B 134 -16.27 18.50 18.84
N VAL B 135 -16.99 17.83 19.73
CA VAL B 135 -18.00 16.96 19.20
C VAL B 135 -19.08 17.70 18.46
N THR B 136 -19.63 17.03 17.47
CA THR B 136 -20.69 17.52 16.64
C THR B 136 -21.47 16.29 16.26
N PRO B 137 -22.57 16.53 15.58
CA PRO B 137 -23.46 15.47 15.14
C PRO B 137 -22.89 14.73 13.95
N ARG B 138 -21.81 15.32 13.45
CA ARG B 138 -21.10 14.76 12.34
C ARG B 138 -20.00 13.85 12.88
N THR B 139 -19.63 14.11 14.13
CA THR B 139 -18.60 13.32 14.76
C THR B 139 -18.97 11.85 14.90
N SER B 140 -18.11 10.96 14.36
CA SER B 140 -18.22 9.47 14.42
C SER B 140 -17.21 8.78 15.38
N ALA B 141 -16.00 9.37 15.51
CA ALA B 141 -14.97 8.83 16.39
C ALA B 141 -13.87 9.80 16.81
N VAL B 142 -13.06 9.28 17.75
CA VAL B 142 -11.92 9.97 18.30
C VAL B 142 -10.71 9.13 18.02
N VAL B 143 -9.66 9.77 17.53
CA VAL B 143 -8.45 9.03 17.24
C VAL B 143 -7.30 9.72 17.96
N GLY B 144 -6.72 9.09 18.96
CA GLY B 144 -5.59 9.76 19.60
C GLY B 144 -4.29 9.23 19.02
N VAL B 145 -3.20 9.97 19.25
CA VAL B 145 -1.82 9.63 18.84
C VAL B 145 -0.90 9.42 20.06
N HIS B 146 -0.30 8.22 20.20
CA HIS B 146 0.60 7.97 21.32
C HIS B 146 1.85 8.71 20.96
N LEU B 147 1.87 10.03 21.20
CA LEU B 147 3.00 10.89 20.87
C LEU B 147 4.38 10.39 21.25
N TRP B 148 5.17 10.06 20.25
CA TRP B 148 6.52 9.57 20.54
C TRP B 148 6.53 8.28 21.39
N GLY B 149 5.49 7.46 21.31
CA GLY B 149 5.51 6.25 22.11
C GLY B 149 4.72 6.37 23.38
N ARG B 150 4.54 7.62 23.82
CA ARG B 150 3.82 8.01 25.03
C ARG B 150 2.35 7.61 25.06
N PRO B 151 2.01 6.70 25.96
CA PRO B 151 0.61 6.31 26.01
C PRO B 151 -0.38 7.44 26.30
N CYS B 152 -1.46 7.53 25.52
CA CYS B 152 -2.47 8.55 25.69
C CYS B 152 -3.28 8.25 26.96
N ALA B 153 -3.91 9.29 27.49
CA ALA B 153 -4.75 9.12 28.68
C ALA B 153 -6.02 8.48 28.18
N ALA B 154 -5.85 7.27 27.66
CA ALA B 154 -6.91 6.47 27.06
C ALA B 154 -8.23 6.36 27.82
N ASP B 155 -8.10 6.07 29.11
CA ASP B 155 -9.24 5.89 29.97
C ASP B 155 -10.20 7.05 29.99
N GLN B 156 -9.62 8.20 30.30
CA GLN B 156 -10.36 9.43 30.34
C GLN B 156 -11.03 9.73 28.96
N LEU B 157 -10.25 9.49 27.88
CA LEU B 157 -10.71 9.67 26.50
C LEU B 157 -11.85 8.71 26.25
N ARG B 158 -11.72 7.50 26.75
CA ARG B 158 -12.81 6.57 26.53
C ARG B 158 -14.11 7.08 27.12
N LYS B 159 -13.99 7.57 28.35
CA LYS B 159 -15.13 8.11 29.07
C LYS B 159 -15.88 9.07 28.16
N VAL B 160 -15.12 10.05 27.73
CA VAL B 160 -15.65 11.03 26.82
C VAL B 160 -16.27 10.37 25.60
N ALA B 161 -15.45 9.56 24.93
CA ALA B 161 -15.96 8.91 23.75
C ALA B 161 -17.31 8.32 24.06
N ASP B 162 -17.28 7.46 25.08
CA ASP B 162 -18.48 6.76 25.52
C ASP B 162 -19.70 7.63 25.65
N GLU B 163 -19.48 8.77 26.28
CA GLU B 163 -20.56 9.70 26.51
C GLU B 163 -21.11 10.34 25.26
N HIS B 164 -20.33 10.37 24.19
CA HIS B 164 -20.84 10.98 22.97
C HIS B 164 -21.16 9.94 21.90
N GLY B 165 -21.06 8.66 22.29
CA GLY B 165 -21.33 7.52 21.42
C GLY B 165 -20.30 7.38 20.30
N LEU B 166 -19.07 7.80 20.61
CA LEU B 166 -18.01 7.75 19.65
C LEU B 166 -17.17 6.53 19.85
N ARG B 167 -16.28 6.39 18.88
CA ARG B 167 -15.32 5.33 18.83
C ARG B 167 -13.96 5.86 19.14
N LEU B 168 -13.17 5.02 19.80
CA LEU B 168 -11.81 5.34 20.22
C LEU B 168 -10.78 4.43 19.59
N TYR B 169 -9.83 5.03 18.92
CA TYR B 169 -8.78 4.31 18.26
C TYR B 169 -7.54 5.10 18.47
N PHE B 170 -6.42 4.44 18.30
CA PHE B 170 -5.19 5.17 18.48
C PHE B 170 -4.25 4.97 17.34
N ASP B 171 -3.56 6.03 17.00
CA ASP B 171 -2.56 5.85 15.98
C ASP B 171 -1.36 5.49 16.84
N ALA B 172 -1.07 4.19 16.94
CA ALA B 172 0.02 3.76 17.78
C ALA B 172 1.30 3.63 16.99
N ALA B 173 1.46 4.46 15.96
CA ALA B 173 2.65 4.41 15.12
C ALA B 173 4.02 4.30 15.81
N HIS B 174 4.24 5.04 16.87
CA HIS B 174 5.53 4.92 17.53
C HIS B 174 5.49 4.18 18.86
N ALA B 175 4.34 3.61 19.21
CA ALA B 175 4.15 2.94 20.47
C ALA B 175 4.42 1.49 20.66
N LEU B 176 4.99 0.81 19.68
CA LEU B 176 5.29 -0.61 19.85
C LEU B 176 6.14 -0.88 21.10
N GLY B 177 5.66 -1.71 22.02
CA GLY B 177 6.47 -2.01 23.20
C GLY B 177 6.42 -0.98 24.32
N CYS B 178 5.61 0.06 24.15
CA CYS B 178 5.44 1.10 25.16
C CYS B 178 4.30 0.63 26.02
N ALA B 179 4.26 1.11 27.27
CA ALA B 179 3.20 0.68 28.17
C ALA B 179 2.92 1.65 29.30
N VAL B 180 1.81 1.44 29.96
CA VAL B 180 1.46 2.30 31.05
C VAL B 180 0.74 1.51 32.09
N ASP B 181 1.27 1.55 33.29
CA ASP B 181 0.62 0.78 34.33
C ASP B 181 0.53 -0.69 33.93
N GLY B 182 1.54 -1.17 33.19
CA GLY B 182 1.55 -2.57 32.76
C GLY B 182 0.67 -2.93 31.54
N ARG B 183 -0.04 -1.95 30.98
CA ARG B 183 -0.87 -2.19 29.82
C ARG B 183 -0.06 -1.74 28.63
N PRO B 184 0.08 -2.65 27.70
CA PRO B 184 0.86 -2.41 26.50
C PRO B 184 0.19 -1.53 25.47
N ALA B 185 0.97 -0.64 24.84
CA ALA B 185 0.36 0.18 23.80
C ALA B 185 -0.17 -0.85 22.79
N GLY B 186 -1.39 -0.63 22.27
CA GLY B 186 -2.00 -1.54 21.32
C GLY B 186 -3.27 -2.17 21.90
N SER B 187 -3.35 -2.17 23.23
CA SER B 187 -4.48 -2.74 23.92
C SER B 187 -5.35 -1.64 24.50
N LEU B 188 -4.96 -0.38 24.28
CA LEU B 188 -5.68 0.77 24.84
C LEU B 188 -6.95 1.19 24.19
N GLY B 189 -7.04 1.22 22.87
CA GLY B 189 -8.27 1.66 22.25
C GLY B 189 -9.04 0.52 21.63
N ASP B 190 -10.12 0.84 20.94
CA ASP B 190 -10.95 -0.14 20.25
C ASP B 190 -10.11 -0.99 19.28
N ALA B 191 -9.12 -0.31 18.68
CA ALA B 191 -8.14 -0.85 17.75
C ALA B 191 -7.07 0.19 17.71
N GLU B 192 -5.86 -0.24 17.33
CA GLU B 192 -4.69 0.60 17.21
C GLU B 192 -3.92 0.24 15.94
N VAL B 193 -3.16 1.20 15.40
CA VAL B 193 -2.40 0.95 14.20
C VAL B 193 -0.93 1.25 14.44
N PHE B 194 -0.05 0.25 14.11
CA PHE B 194 1.42 0.37 14.26
C PHE B 194 2.06 0.61 12.91
N SER B 195 3.22 1.25 12.88
CA SER B 195 3.87 1.45 11.61
C SER B 195 5.19 0.72 11.69
N PHE B 196 5.58 0.09 10.57
CA PHE B 196 6.82 -0.63 10.45
C PHE B 196 7.65 -0.02 9.33
N HIS B 197 7.60 1.30 9.18
CA HIS B 197 8.38 1.96 8.16
C HIS B 197 9.87 1.84 8.50
N ALA B 198 10.70 1.78 7.47
CA ALA B 198 12.15 1.69 7.56
C ALA B 198 12.77 2.49 8.69
N THR B 199 12.10 3.60 9.06
CA THR B 199 12.55 4.52 10.08
C THR B 199 12.07 4.23 11.49
N LYS B 200 11.29 3.17 11.68
CA LYS B 200 10.80 2.91 13.04
C LYS B 200 11.69 1.94 13.82
N ALA B 201 11.34 1.70 15.09
CA ALA B 201 12.07 0.80 15.97
C ALA B 201 12.09 -0.60 15.39
N VAL B 202 10.97 -0.94 14.75
CA VAL B 202 10.73 -2.18 14.02
C VAL B 202 10.45 -1.78 12.57
N ASN B 203 11.27 -2.34 11.66
CA ASN B 203 11.25 -2.10 10.23
C ASN B 203 10.89 -3.29 9.32
N ALA B 204 10.03 -3.09 8.31
CA ALA B 204 9.62 -4.13 7.37
C ALA B 204 9.67 -3.50 5.98
N PHE B 205 10.59 -2.54 5.86
CA PHE B 205 10.78 -1.72 4.66
C PHE B 205 9.62 -0.75 4.65
N GLU B 206 8.43 -1.31 4.51
CA GLU B 206 7.23 -0.47 4.52
C GLU B 206 6.21 -1.39 5.09
N GLY B 207 5.38 -0.93 6.02
CA GLY B 207 4.39 -1.82 6.56
C GLY B 207 3.69 -1.27 7.76
N GLY B 208 2.65 -1.97 8.19
CA GLY B 208 1.98 -1.48 9.38
C GLY B 208 1.13 -2.64 9.82
N ALA B 209 0.26 -2.41 10.80
CA ALA B 209 -0.65 -3.43 11.27
C ALA B 209 -1.73 -2.83 12.11
N VAL B 210 -2.93 -3.37 11.94
CA VAL B 210 -4.06 -2.95 12.73
C VAL B 210 -4.29 -4.05 13.78
N VAL B 211 -4.27 -3.68 15.07
CA VAL B 211 -4.46 -4.64 16.18
C VAL B 211 -5.76 -4.43 16.95
N THR B 212 -6.38 -5.52 17.35
CA THR B 212 -7.62 -5.41 18.09
C THR B 212 -7.98 -6.71 18.76
N ASP B 213 -8.89 -6.64 19.73
CA ASP B 213 -9.35 -7.85 20.41
C ASP B 213 -10.72 -8.19 19.80
N ASP B 214 -11.23 -7.25 19.01
CA ASP B 214 -12.52 -7.36 18.33
C ASP B 214 -12.38 -8.18 17.07
N ALA B 215 -12.73 -9.45 17.22
CA ALA B 215 -12.65 -10.40 16.15
C ALA B 215 -13.45 -10.04 14.92
N ASP B 216 -14.58 -9.36 15.09
CA ASP B 216 -15.34 -9.06 13.90
C ASP B 216 -14.74 -7.93 13.11
N LEU B 217 -14.30 -6.97 13.86
CA LEU B 217 -13.69 -5.85 13.23
C LEU B 217 -12.52 -6.38 12.44
N ALA B 218 -11.76 -7.19 13.14
CA ALA B 218 -10.58 -7.82 12.58
C ALA B 218 -10.84 -8.49 11.22
N ALA B 219 -11.90 -9.26 11.18
CA ALA B 219 -12.23 -9.95 9.95
C ALA B 219 -12.69 -8.99 8.87
N ARG B 220 -13.35 -7.90 9.25
CA ARG B 220 -13.82 -6.93 8.28
C ARG B 220 -12.62 -6.24 7.64
N ILE B 221 -11.66 -5.92 8.51
CA ILE B 221 -10.44 -5.28 8.10
C ILE B 221 -9.70 -6.15 7.06
N ARG B 222 -9.61 -7.41 7.43
CA ARG B 222 -8.96 -8.40 6.60
C ARG B 222 -9.58 -8.54 5.21
N ALA B 223 -10.91 -8.63 5.18
CA ALA B 223 -11.63 -8.75 3.92
C ALA B 223 -11.40 -7.50 3.07
N LEU B 224 -11.64 -6.36 3.65
CA LEU B 224 -11.44 -5.16 2.88
C LEU B 224 -10.01 -4.91 2.39
N HIS B 225 -9.00 -5.50 3.05
CA HIS B 225 -7.67 -5.21 2.61
C HIS B 225 -7.31 -6.02 1.40
N ASN B 226 -8.25 -6.89 1.11
CA ASN B 226 -8.19 -7.82 -0.01
C ASN B 226 -9.43 -7.75 -0.88
N PHE B 227 -9.66 -6.53 -1.38
CA PHE B 227 -10.77 -6.21 -2.27
C PHE B 227 -12.16 -6.58 -1.78
N GLY B 228 -12.35 -6.67 -0.47
CA GLY B 228 -13.61 -7.01 0.16
C GLY B 228 -14.02 -8.46 -0.06
N PHE B 229 -13.07 -9.30 -0.45
CA PHE B 229 -13.40 -10.68 -0.71
C PHE B 229 -13.79 -11.39 0.53
N ASP B 230 -14.76 -12.27 0.42
CA ASP B 230 -15.23 -13.04 1.55
C ASP B 230 -15.77 -12.21 2.70
N LEU B 231 -16.42 -11.12 2.39
CA LEU B 231 -17.04 -10.23 3.38
C LEU B 231 -18.54 -10.35 3.09
N PRO B 232 -19.23 -11.31 3.71
CA PRO B 232 -20.68 -11.51 3.46
C PRO B 232 -21.39 -10.21 3.76
N GLY B 233 -22.01 -9.67 2.73
CA GLY B 233 -22.67 -8.39 2.87
C GLY B 233 -21.86 -7.30 2.16
N GLY B 234 -20.53 -7.49 2.09
CA GLY B 234 -19.66 -6.53 1.45
C GLY B 234 -19.64 -5.25 2.26
N SER B 235 -19.28 -4.17 1.61
CA SER B 235 -19.24 -2.89 2.28
C SER B 235 -19.50 -1.89 1.19
N PRO B 236 -19.98 -0.71 1.59
CA PRO B 236 -20.29 0.40 0.71
C PRO B 236 -19.02 0.98 0.14
N ALA B 237 -17.89 0.77 0.85
CA ALA B 237 -16.59 1.25 0.46
C ALA B 237 -16.03 0.43 -0.71
N GLY B 238 -16.54 -0.81 -0.82
CA GLY B 238 -16.17 -1.76 -1.85
C GLY B 238 -15.04 -2.62 -1.26
N GLY B 239 -13.83 -2.06 -1.23
CA GLY B 239 -12.65 -2.75 -0.70
C GLY B 239 -11.43 -2.13 -1.35
N THR B 240 -10.23 -2.58 -1.00
CA THR B 240 -9.02 -2.04 -1.58
C THR B 240 -7.91 -3.10 -1.47
N ASN B 241 -6.68 -2.72 -1.72
CA ASN B 241 -5.58 -3.65 -1.59
C ASN B 241 -4.62 -3.03 -0.60
N ALA B 242 -4.49 -3.57 0.58
CA ALA B 242 -3.52 -2.99 1.47
C ALA B 242 -2.68 -4.15 2.08
N LYS B 243 -2.57 -5.23 1.33
CA LYS B 243 -1.81 -6.41 1.82
C LYS B 243 -0.30 -6.24 1.95
N MET B 244 0.24 -6.97 2.93
CA MET B 244 1.66 -7.07 3.23
C MET B 244 2.21 -8.32 2.53
N SER B 245 3.25 -8.13 1.71
CA SER B 245 3.93 -9.20 1.01
C SER B 245 4.75 -10.06 1.95
N GLU B 246 5.13 -11.25 1.51
CA GLU B 246 5.91 -12.07 2.42
C GLU B 246 7.29 -11.47 2.57
N ALA B 247 7.76 -10.72 1.59
CA ALA B 247 9.06 -10.09 1.71
C ALA B 247 9.09 -9.10 2.87
N ALA B 248 8.06 -8.26 2.95
CA ALA B 248 7.98 -7.28 4.02
C ALA B 248 7.92 -8.01 5.33
N ALA B 249 7.14 -9.11 5.31
CA ALA B 249 7.02 -9.87 6.56
C ALA B 249 8.33 -10.45 7.04
N ALA B 250 9.16 -10.91 6.08
CA ALA B 250 10.44 -11.52 6.41
C ALA B 250 11.32 -10.59 7.20
N MET B 251 11.37 -9.35 6.67
CA MET B 251 12.12 -8.24 7.23
C MET B 251 11.60 -7.91 8.63
N GLY B 252 10.28 -7.77 8.72
CA GLY B 252 9.65 -7.44 9.97
C GLY B 252 9.93 -8.47 11.06
N LEU B 253 9.97 -9.74 10.70
CA LEU B 253 10.21 -10.78 11.69
C LEU B 253 11.62 -10.68 12.22
N THR B 254 12.55 -10.41 11.33
CA THR B 254 13.98 -10.24 11.61
C THR B 254 14.21 -9.05 12.51
N SER B 255 13.39 -8.05 12.25
CA SER B 255 13.41 -6.80 12.97
C SER B 255 12.87 -7.03 14.36
N LEU B 256 11.80 -7.79 14.43
CA LEU B 256 11.27 -8.06 15.77
C LEU B 256 12.25 -8.92 16.56
N ASP B 257 13.01 -9.74 15.84
CA ASP B 257 13.97 -10.57 16.51
C ASP B 257 14.98 -9.74 17.36
N ALA B 258 15.32 -8.56 16.84
CA ALA B 258 16.27 -7.66 17.45
C ALA B 258 15.71 -6.54 18.30
N PHE B 259 14.40 -6.46 18.34
CA PHE B 259 13.70 -5.42 19.06
C PHE B 259 14.08 -5.22 20.51
N PRO B 260 13.97 -6.29 21.32
CA PRO B 260 14.29 -6.15 22.73
C PRO B 260 15.66 -5.58 22.93
N GLU B 261 16.57 -5.97 22.07
CA GLU B 261 17.88 -5.42 22.24
C GLU B 261 17.90 -3.96 21.82
N VAL B 262 17.10 -3.62 20.81
CA VAL B 262 17.08 -2.25 20.37
C VAL B 262 16.58 -1.35 21.46
N ILE B 263 15.52 -1.78 22.08
CA ILE B 263 14.99 -0.95 23.13
C ILE B 263 16.05 -0.60 24.20
N ASP B 264 16.74 -1.63 24.61
CA ASP B 264 17.75 -1.49 25.63
C ASP B 264 18.80 -0.49 25.20
N ARG B 265 19.20 -0.58 23.94
CA ARG B 265 20.20 0.34 23.47
C ARG B 265 19.61 1.75 23.48
N ASN B 266 18.39 1.87 22.96
CA ASN B 266 17.72 3.16 22.92
C ASN B 266 17.69 3.79 24.33
N ARG B 267 17.29 2.96 25.29
CA ARG B 267 17.19 3.41 26.67
C ARG B 267 18.52 3.96 27.14
N ARG B 268 19.55 3.17 26.87
CA ARG B 268 20.89 3.59 27.25
C ARG B 268 21.18 4.96 26.59
N ASN B 269 20.95 5.06 25.27
CA ASN B 269 21.20 6.28 24.47
C ASN B 269 20.58 7.52 25.12
N HIS B 270 19.33 7.35 25.52
CA HIS B 270 18.61 8.43 26.14
C HIS B 270 19.30 8.88 27.41
N ALA B 271 19.67 7.91 28.24
CA ALA B 271 20.34 8.28 29.46
C ALA B 271 21.61 9.08 29.16
N ALA B 272 22.38 8.64 28.16
CA ALA B 272 23.59 9.36 27.84
C ALA B 272 23.27 10.77 27.43
N TYR B 273 22.24 10.95 26.64
CA TYR B 273 21.93 12.31 26.21
C TYR B 273 21.48 13.17 27.38
N ARG B 274 20.78 12.53 28.27
CA ARG B 274 20.26 13.26 29.39
C ARG B 274 21.42 13.83 30.21
N GLU B 275 22.30 12.93 30.52
CA GLU B 275 23.46 13.30 31.31
C GLU B 275 24.35 14.35 30.64
N HIS B 276 24.63 14.20 29.35
CA HIS B 276 25.47 15.10 28.62
C HIS B 276 24.81 16.42 28.33
N LEU B 277 23.52 16.56 28.68
CA LEU B 277 22.85 17.81 28.37
C LEU B 277 22.37 18.58 29.59
N ALA B 278 22.82 18.15 30.75
CA ALA B 278 22.44 18.79 32.01
C ALA B 278 22.97 20.23 32.12
N ASP B 279 22.45 20.99 33.09
CA ASP B 279 22.91 22.35 33.30
C ASP B 279 22.87 23.12 32.02
N LEU B 280 21.76 23.00 31.31
CA LEU B 280 21.64 23.70 30.06
C LEU B 280 20.23 24.23 29.94
N PRO B 281 20.03 25.40 30.54
CA PRO B 281 18.73 26.04 30.53
C PRO B 281 18.13 26.27 29.11
N GLY B 282 16.84 25.93 28.96
CA GLY B 282 16.20 26.12 27.67
C GLY B 282 16.51 24.98 26.69
N VAL B 283 17.20 23.95 27.15
CA VAL B 283 17.47 22.78 26.32
C VAL B 283 17.01 21.64 27.17
N LEU B 284 15.78 21.23 26.95
CA LEU B 284 15.17 20.20 27.77
C LEU B 284 14.90 18.82 27.16
N VAL B 285 15.69 17.84 27.61
CA VAL B 285 15.56 16.45 27.17
C VAL B 285 14.21 15.84 27.60
N ALA B 286 13.37 15.45 26.62
CA ALA B 286 12.05 14.90 26.92
C ALA B 286 12.08 13.57 27.63
N ASP B 287 11.60 13.61 28.84
CA ASP B 287 11.57 12.42 29.63
C ASP B 287 10.32 11.59 29.37
N HIS B 288 10.37 10.75 28.35
CA HIS B 288 9.20 9.94 28.03
C HIS B 288 8.74 9.03 29.13
N ASP B 289 9.71 8.41 29.83
CA ASP B 289 9.41 7.47 30.89
C ASP B 289 8.37 7.92 31.87
N ARG B 290 8.36 9.21 32.15
CA ARG B 290 7.36 9.66 33.09
C ARG B 290 5.93 9.34 32.64
N HIS B 291 5.74 9.09 31.32
CA HIS B 291 4.43 8.77 30.73
C HIS B 291 4.09 7.29 30.68
N GLY B 292 5.07 6.49 31.11
CA GLY B 292 4.95 5.05 31.16
C GLY B 292 6.12 4.48 30.39
N LEU B 293 6.22 3.16 30.43
CA LEU B 293 7.32 2.55 29.73
C LEU B 293 7.35 2.96 28.26
N ASN B 294 8.52 3.44 27.81
CA ASN B 294 8.75 3.89 26.44
C ASN B 294 9.87 3.13 25.75
N ASN B 295 9.74 2.88 24.45
CA ASN B 295 10.78 2.18 23.69
C ASN B 295 11.96 3.10 23.35
N HIS B 296 11.80 4.41 23.59
CA HIS B 296 12.85 5.41 23.35
C HIS B 296 13.40 5.52 21.93
N GLN B 297 12.56 5.31 20.88
CA GLN B 297 12.96 5.44 19.47
C GLN B 297 13.16 6.89 19.06
N TYR B 298 12.53 7.77 19.85
CA TYR B 298 12.62 9.20 19.65
C TYR B 298 13.34 9.87 20.78
N VAL B 299 14.44 10.55 20.45
CA VAL B 299 15.25 11.34 21.38
C VAL B 299 14.86 12.79 21.10
N ILE B 300 14.00 13.32 21.96
CA ILE B 300 13.49 14.66 21.84
C ILE B 300 13.92 15.66 22.92
N VAL B 301 14.25 16.83 22.43
CA VAL B 301 14.65 17.99 23.20
C VAL B 301 13.81 19.18 22.75
N GLU B 302 13.47 20.03 23.69
CA GLU B 302 12.72 21.24 23.47
C GLU B 302 13.74 22.34 23.56
N ILE B 303 13.69 23.22 22.56
CA ILE B 303 14.54 24.39 22.44
C ILE B 303 13.74 25.64 22.79
N ASP B 304 14.07 26.29 23.91
CA ASP B 304 13.38 27.50 24.34
C ASP B 304 14.23 28.68 23.84
N GLU B 305 13.72 29.29 22.77
CA GLU B 305 14.36 30.39 22.09
C GLU B 305 14.64 31.56 23.00
N ALA B 306 13.66 31.88 23.82
CA ALA B 306 13.82 32.99 24.73
C ALA B 306 14.84 32.65 25.79
N THR B 307 15.05 31.36 26.01
CA THR B 307 15.97 31.01 27.05
C THR B 307 17.34 30.83 26.53
N THR B 308 17.41 30.18 25.38
CA THR B 308 18.68 29.88 24.74
C THR B 308 19.13 31.03 23.89
N GLY B 309 18.16 31.85 23.49
CA GLY B 309 18.42 32.98 22.63
C GLY B 309 18.65 32.53 21.17
N ILE B 310 18.36 31.25 20.88
CA ILE B 310 18.47 30.65 19.56
C ILE B 310 17.20 29.80 19.29
N HIS B 311 16.63 29.97 18.08
CA HIS B 311 15.41 29.28 17.62
C HIS B 311 15.61 27.81 17.19
N ARG B 312 14.62 26.93 17.48
CA ARG B 312 14.68 25.51 17.10
C ARG B 312 15.22 25.30 15.69
N ASP B 313 14.65 26.05 14.75
CA ASP B 313 15.05 25.97 13.37
C ASP B 313 16.52 26.22 13.06
N LEU B 314 17.10 27.26 13.64
CA LEU B 314 18.48 27.57 13.39
C LEU B 314 19.41 26.57 14.02
N VAL B 315 18.90 25.93 15.05
CA VAL B 315 19.73 24.91 15.67
C VAL B 315 19.83 23.71 14.71
N MET B 316 18.70 23.42 14.08
CA MET B 316 18.63 22.32 13.13
C MET B 316 19.66 22.53 12.02
N GLU B 317 19.64 23.76 11.51
CA GLU B 317 20.51 24.21 10.44
C GLU B 317 21.95 24.11 10.85
N VAL B 318 22.21 24.60 12.04
CA VAL B 318 23.56 24.53 12.48
C VAL B 318 24.03 23.09 12.56
N LEU B 319 23.25 22.25 13.22
CA LEU B 319 23.65 20.84 13.36
C LEU B 319 23.76 20.17 12.01
N LYS B 320 22.83 20.54 11.12
CA LYS B 320 22.80 19.99 9.78
C LYS B 320 24.10 20.19 9.04
N ALA B 321 24.64 21.40 9.15
CA ALA B 321 25.90 21.77 8.54
C ALA B 321 27.05 20.99 9.16
N GLU B 322 26.82 20.54 10.37
CA GLU B 322 27.87 19.78 11.00
C GLU B 322 27.84 18.27 10.73
N GLY B 323 26.85 17.84 9.95
CA GLY B 323 26.69 16.43 9.60
C GLY B 323 25.67 15.73 10.48
N VAL B 324 24.97 16.55 11.28
CA VAL B 324 23.95 16.08 12.19
C VAL B 324 22.56 16.43 11.67
N HIS B 325 21.94 15.37 11.16
CA HIS B 325 20.62 15.52 10.60
C HIS B 325 19.52 15.16 11.59
N THR B 326 18.82 16.21 12.04
CA THR B 326 17.73 16.08 12.99
C THR B 326 16.42 16.45 12.33
N ARG B 327 15.33 16.34 13.07
CA ARG B 327 14.05 16.66 12.48
C ARG B 327 13.07 17.16 13.53
N ALA B 328 12.17 18.02 13.12
CA ALA B 328 11.23 18.50 14.11
C ALA B 328 10.01 17.58 14.18
N TYR B 329 9.94 16.66 15.14
CA TYR B 329 8.74 15.78 15.19
C TYR B 329 7.75 16.23 16.25
N PHE B 330 6.63 16.94 15.93
CA PHE B 330 6.14 17.40 14.62
C PHE B 330 5.92 18.87 14.59
N SER B 331 6.30 19.48 13.47
CA SER B 331 6.16 20.91 13.25
C SER B 331 5.85 21.19 11.76
N PRO B 332 4.78 21.95 11.51
CA PRO B 332 4.00 22.47 12.60
C PRO B 332 2.87 21.52 12.77
N GLY B 333 1.84 21.97 13.54
CA GLY B 333 0.61 21.21 13.81
C GLY B 333 -0.08 20.85 12.50
N CYS B 334 -0.89 19.80 12.49
CA CYS B 334 -1.54 19.47 11.23
C CYS B 334 -2.49 20.54 10.69
N HIS B 335 -3.11 21.26 11.63
CA HIS B 335 -4.06 22.33 11.32
C HIS B 335 -3.48 23.38 10.42
N GLU B 336 -2.16 23.46 10.41
CA GLU B 336 -1.48 24.43 9.58
C GLU B 336 -1.03 23.83 8.28
N LEU B 337 -1.50 22.60 8.04
CA LEU B 337 -1.18 21.83 6.85
C LEU B 337 -2.29 21.86 5.77
N GLU B 338 -1.91 21.81 4.49
CA GLU B 338 -2.92 21.81 3.41
C GLU B 338 -3.50 20.41 3.37
N PRO B 339 -4.81 20.24 3.22
CA PRO B 339 -5.83 21.28 3.06
C PRO B 339 -6.38 21.99 4.29
N TYR B 340 -6.11 21.49 5.51
CA TYR B 340 -6.59 22.02 6.78
C TYR B 340 -6.31 23.49 7.00
N ARG B 341 -5.11 23.85 6.58
CA ARG B 341 -4.57 25.17 6.67
C ARG B 341 -5.51 26.23 6.18
N GLY B 342 -5.56 27.31 6.92
CA GLY B 342 -6.45 28.33 6.42
C GLY B 342 -7.91 27.99 6.76
N GLN B 343 -8.27 26.70 6.82
CA GLN B 343 -9.64 26.41 7.20
C GLN B 343 -9.90 26.62 8.71
N PRO B 344 -11.16 26.60 9.18
CA PRO B 344 -11.52 26.83 10.60
C PRO B 344 -11.29 25.66 11.58
N HIS B 345 -10.67 25.96 12.74
CA HIS B 345 -10.35 24.98 13.80
C HIS B 345 -10.50 25.59 15.18
N ALA B 346 -10.48 24.75 16.22
CA ALA B 346 -10.58 25.26 17.58
C ALA B 346 -9.23 25.92 17.88
N PRO B 347 -9.09 26.62 19.02
CA PRO B 347 -7.81 27.24 19.32
C PRO B 347 -6.87 26.10 19.70
N LEU B 348 -5.60 26.16 19.27
CA LEU B 348 -4.59 25.11 19.56
C LEU B 348 -3.23 25.67 19.98
N PRO B 349 -3.23 26.48 21.04
CA PRO B 349 -2.04 27.13 21.55
C PRO B 349 -0.93 26.22 22.06
N HIS B 350 -1.35 25.12 22.72
CA HIS B 350 -0.44 24.14 23.28
C HIS B 350 0.33 23.47 22.16
N THR B 351 -0.42 23.03 21.16
CA THR B 351 0.10 22.36 19.99
C THR B 351 1.18 23.22 19.30
N GLU B 352 0.83 24.48 19.11
CA GLU B 352 1.68 25.47 18.45
C GLU B 352 2.95 25.76 19.23
N ARG B 353 2.77 25.87 20.54
CA ARG B 353 3.90 26.13 21.42
C ARG B 353 4.89 25.01 21.29
N LEU B 354 4.35 23.82 21.59
CA LEU B 354 5.12 22.59 21.52
C LEU B 354 5.76 22.39 20.15
N ALA B 355 4.92 22.51 19.11
CA ALA B 355 5.39 22.31 17.75
C ALA B 355 6.62 23.13 17.42
N ALA B 356 6.61 24.35 17.89
CA ALA B 356 7.75 25.20 17.62
C ALA B 356 9.01 24.91 18.40
N ARG B 357 8.96 23.98 19.37
CA ARG B 357 10.16 23.72 20.17
C ARG B 357 10.86 22.43 19.99
N VAL B 358 10.11 21.42 19.60
CA VAL B 358 10.65 20.09 19.44
C VAL B 358 11.73 19.90 18.38
N LEU B 359 12.64 19.02 18.78
CA LEU B 359 13.78 18.60 18.02
C LEU B 359 14.15 17.12 18.35
N SER B 360 14.25 16.28 17.29
CA SER B 360 14.58 14.85 17.33
C SER B 360 16.05 14.63 17.03
N LEU B 361 16.65 13.88 17.93
CA LEU B 361 18.05 13.57 17.85
C LEU B 361 18.32 12.13 17.46
N PRO B 362 19.45 11.99 16.80
CA PRO B 362 19.86 10.68 16.36
C PRO B 362 20.03 9.66 17.46
N THR B 363 19.55 8.48 17.17
CA THR B 363 19.64 7.38 18.09
C THR B 363 19.68 6.05 17.30
N GLY B 364 19.36 4.95 17.98
CA GLY B 364 19.34 3.62 17.39
C GLY B 364 20.63 2.87 17.64
N THR B 365 20.75 1.66 17.08
CA THR B 365 21.96 0.88 17.29
C THR B 365 23.21 1.48 16.74
N ALA B 366 23.09 2.40 15.77
CA ALA B 366 24.26 3.02 15.20
C ALA B 366 24.87 4.17 16.03
N ILE B 367 24.13 4.64 17.03
CA ILE B 367 24.59 5.74 17.88
C ILE B 367 25.31 5.31 19.14
N GLY B 368 26.56 5.73 19.23
CA GLY B 368 27.35 5.40 20.39
C GLY B 368 27.50 6.59 21.33
N ASP B 369 28.02 6.32 22.51
CA ASP B 369 28.25 7.32 23.53
C ASP B 369 29.00 8.55 23.01
N ASP B 370 30.03 8.23 22.23
CA ASP B 370 30.89 9.20 21.63
C ASP B 370 30.09 10.15 20.77
N ASP B 371 29.19 9.58 19.98
CA ASP B 371 28.36 10.38 19.11
C ASP B 371 27.44 11.29 19.91
N ILE B 372 26.89 10.75 20.99
CA ILE B 372 25.98 11.48 21.87
C ILE B 372 26.69 12.73 22.38
N ARG B 373 27.96 12.55 22.73
CA ARG B 373 28.80 13.63 23.24
C ARG B 373 28.91 14.76 22.23
N ARG B 374 29.22 14.40 21.00
CA ARG B 374 29.39 15.30 19.87
C ARG B 374 28.13 16.10 19.59
N VAL B 375 26.97 15.43 19.65
CA VAL B 375 25.73 16.14 19.39
C VAL B 375 25.49 17.14 20.51
N ALA B 376 25.59 16.63 21.72
CA ALA B 376 25.43 17.38 22.94
C ALA B 376 26.43 18.54 23.01
N ASP B 377 27.71 18.26 22.79
CA ASP B 377 28.65 19.33 22.82
C ASP B 377 28.19 20.34 21.79
N LEU B 378 27.65 19.86 20.66
CA LEU B 378 27.15 20.77 19.63
C LEU B 378 25.95 21.59 20.12
N LEU B 379 24.98 20.91 20.76
CA LEU B 379 23.83 21.66 21.26
C LEU B 379 24.22 22.63 22.36
N ARG B 380 25.10 22.19 23.26
CA ARG B 380 25.55 23.02 24.37
C ARG B 380 26.08 24.38 23.91
N LEU B 381 26.84 24.36 22.83
CA LEU B 381 27.39 25.59 22.25
C LEU B 381 26.27 26.54 21.75
N CYS B 382 25.35 26.01 20.92
CA CYS B 382 24.25 26.79 20.39
C CYS B 382 23.41 27.40 21.49
N ALA B 383 23.20 26.61 22.55
CA ALA B 383 22.34 27.10 23.62
C ALA B 383 23.04 28.00 24.65
N THR B 384 24.37 28.07 24.54
CA THR B 384 25.14 28.90 25.44
C THR B 384 25.54 30.20 24.77
N ARG B 385 25.47 30.20 23.41
CA ARG B 385 25.82 31.33 22.56
C ARG B 385 24.74 31.64 21.56
N GLY B 386 23.50 31.32 21.92
CA GLY B 386 22.35 31.55 21.08
C GLY B 386 22.32 32.97 20.52
N ARG B 387 22.44 33.93 21.43
CA ARG B 387 22.43 35.37 21.15
C ARG B 387 23.37 35.78 20.02
N GLU B 388 24.63 35.52 20.30
CA GLU B 388 25.75 35.80 19.41
C GLU B 388 25.54 35.12 18.08
N LEU B 389 25.42 33.81 18.17
CA LEU B 389 25.21 32.97 17.03
C LEU B 389 23.98 33.39 16.20
N THR B 390 22.85 33.57 16.90
CA THR B 390 21.63 33.96 16.22
C THR B 390 21.83 35.23 15.46
N ALA B 391 22.41 36.20 16.16
CA ALA B 391 22.68 37.52 15.61
C ALA B 391 23.67 37.51 14.45
N ARG B 392 24.76 36.75 14.58
CA ARG B 392 25.75 36.69 13.51
C ARG B 392 25.11 36.13 12.25
N HIS B 393 24.27 35.12 12.48
CA HIS B 393 23.60 34.51 11.36
C HIS B 393 22.93 35.60 10.53
N ARG B 394 21.96 36.25 11.19
CA ARG B 394 21.14 37.33 10.66
C ARG B 394 21.94 38.45 9.98
N ASP B 395 23.16 38.18 9.48
CA ASP B 395 24.00 39.18 8.82
C ASP B 395 23.98 38.92 7.33
#